data_8YDD
#
_entry.id   8YDD
#
_cell.length_a   85.667
_cell.length_b   87.604
_cell.length_c   96.874
_cell.angle_alpha   90.00
_cell.angle_beta   91.81
_cell.angle_gamma   90.00
#
_symmetry.space_group_name_H-M   'P 1 21 1'
#
loop_
_entity.id
_entity.type
_entity.pdbx_description
1 polymer 'WD repeat-containing protein 5'
2 polymer 'Homeobox protein NANOG'
3 water water
#
loop_
_entity_poly.entity_id
_entity_poly.type
_entity_poly.pdbx_seq_one_letter_code
_entity_poly.pdbx_strand_id
1 'polypeptide(L)'
;SATQSKPTPVKPNYALKFTLAGHTKAVSSVKFSPNGEWLASSSADKLIKIWGAYDGKFEKTISGHKLGISDVAWSSDSNL
LVSASDDKTLKIWDVSSGKCLKTLKGHSNYVFCCNFNPQSNLIVSGSFDESVRIWDVKTGKCLKTLPAHSDPVSAVHFNR
DGSLIVSSSYDGLCRIWDTASGQCLKTLIDDDNPPVSFVKFSPNGKYILAATLDNTLKLWDYSKGKCLKTYTGHKNEKYC
IFANFSVTGGKWIVSGSEDNLVYIWNLQTKEIVQKLQGHTDVVISTACHPTENIIASAALENDKTIKLWKSDC
;
A,B,C
2 'polypeptide(L)' SKQKMATVFSQAQLCALKDRFQKQKYLSLQQMQELSSILNLSYKQVKTWFQNQRMKCKRWQ D,E
#
# COMPACT_ATOMS: atom_id res chain seq x y z
N VAL A 10 -3.14 33.63 5.07
CA VAL A 10 -2.53 33.21 3.82
C VAL A 10 -2.60 31.72 3.44
N LYS A 11 -2.30 30.81 4.34
CA LYS A 11 -2.55 29.40 4.08
C LYS A 11 -3.10 28.72 5.28
N PRO A 12 -3.80 27.63 5.08
CA PRO A 12 -4.19 26.77 6.17
C PRO A 12 -3.09 25.78 6.50
N ASN A 13 -3.27 25.07 7.59
CA ASN A 13 -2.29 24.11 8.02
C ASN A 13 -2.86 22.79 8.43
N TYR A 14 -3.66 22.20 7.57
CA TYR A 14 -4.41 20.98 7.87
C TYR A 14 -3.45 19.84 8.15
N ALA A 15 -3.69 19.10 9.24
CA ALA A 15 -2.83 17.99 9.67
C ALA A 15 -3.68 16.78 9.98
N LEU A 16 -3.15 15.60 9.63
CA LEU A 16 -3.85 14.36 9.89
C LEU A 16 -4.09 14.15 11.38
N LYS A 17 -5.33 13.91 11.75
CA LYS A 17 -5.67 13.67 13.13
C LYS A 17 -6.46 12.38 13.36
N PHE A 18 -7.11 11.83 12.34
CA PHE A 18 -7.95 10.65 12.47
C PHE A 18 -7.90 9.82 11.19
N THR A 19 -7.83 8.51 11.33
CA THR A 19 -8.09 7.59 10.24
C THR A 19 -9.19 6.65 10.67
N LEU A 20 -10.16 6.45 9.79
CA LEU A 20 -11.40 5.74 10.11
C LEU A 20 -11.48 4.56 9.15
N ALA A 21 -11.34 3.34 9.67
CA ALA A 21 -11.20 2.16 8.81
C ALA A 21 -12.23 1.12 9.23
N GLY A 22 -13.39 1.12 8.60
CA GLY A 22 -14.41 0.14 8.92
C GLY A 22 -14.89 -0.56 7.68
N HIS A 23 -14.89 0.19 6.56
CA HIS A 23 -15.39 -0.32 5.29
C HIS A 23 -14.43 -1.32 4.66
N THR A 24 -14.99 -2.37 4.08
CA THR A 24 -14.19 -3.41 3.46
C THR A 24 -14.04 -3.21 1.95
N LYS A 25 -14.53 -2.09 1.42
CA LYS A 25 -14.35 -1.73 0.02
C LYS A 25 -14.16 -0.22 -0.05
N ALA A 26 -14.06 0.30 -1.28
CA ALA A 26 -13.91 1.74 -1.50
C ALA A 26 -14.98 2.55 -0.77
N VAL A 27 -14.57 3.68 -0.21
CA VAL A 27 -15.51 4.63 0.37
C VAL A 27 -15.93 5.61 -0.72
N SER A 28 -17.24 5.75 -0.92
CA SER A 28 -17.77 6.55 -2.03
C SER A 28 -18.05 8.00 -1.67
N SER A 29 -18.43 8.30 -0.43
CA SER A 29 -18.90 9.64 -0.11
C SER A 29 -18.83 9.82 1.41
N VAL A 30 -18.44 11.01 1.86
CA VAL A 30 -18.48 11.39 3.28
C VAL A 30 -19.17 12.74 3.41
N LYS A 31 -20.10 12.83 4.35
CA LYS A 31 -20.84 14.06 4.65
C LYS A 31 -20.85 14.29 6.16
N PHE A 32 -20.71 15.55 6.55
CA PHE A 32 -20.83 16.01 7.93
C PHE A 32 -22.27 16.36 8.24
N SER A 33 -22.73 16.00 9.42
CA SER A 33 -24.09 16.35 9.78
C SER A 33 -24.18 17.87 9.91
N PRO A 34 -25.29 18.47 9.50
CA PRO A 34 -25.45 19.92 9.72
C PRO A 34 -25.18 20.37 11.14
N ASN A 35 -25.56 19.59 12.16
CA ASN A 35 -25.26 20.04 13.52
C ASN A 35 -23.79 19.87 13.88
N GLY A 36 -22.98 19.27 13.01
CA GLY A 36 -21.55 19.16 13.25
C GLY A 36 -21.10 18.07 14.19
N GLU A 37 -22.03 17.22 14.69
CA GLU A 37 -21.66 16.15 15.61
C GLU A 37 -21.17 14.90 14.91
N TRP A 38 -21.56 14.67 13.66
CA TRP A 38 -21.37 13.34 13.06
C TRP A 38 -20.79 13.45 11.65
N LEU A 39 -20.21 12.33 11.23
CA LEU A 39 -19.81 12.10 9.85
C LEU A 39 -20.46 10.81 9.39
N ALA A 40 -21.06 10.84 8.20
CA ALA A 40 -21.57 9.63 7.55
C ALA A 40 -20.69 9.28 6.35
N SER A 41 -20.35 7.99 6.23
CA SER A 41 -19.61 7.47 5.09
C SER A 41 -20.45 6.45 4.33
N SER A 42 -20.39 6.50 3.00
CA SER A 42 -20.96 5.43 2.19
C SER A 42 -19.84 4.67 1.48
N SER A 43 -20.15 3.45 1.06
CA SER A 43 -19.10 2.61 0.52
C SER A 43 -19.65 1.66 -0.53
N ALA A 44 -18.73 1.16 -1.37
CA ALA A 44 -19.06 0.07 -2.29
C ALA A 44 -19.42 -1.22 -1.57
N ASP A 45 -19.10 -1.34 -0.27
CA ASP A 45 -19.42 -2.53 0.50
C ASP A 45 -20.88 -2.57 0.96
N LYS A 46 -21.72 -1.68 0.44
CA LYS A 46 -23.16 -1.61 0.66
C LYS A 46 -23.54 -1.05 2.03
N LEU A 47 -22.59 -0.52 2.80
CA LEU A 47 -22.87 -0.04 4.14
C LEU A 47 -22.76 1.49 4.23
N ILE A 48 -23.53 2.06 5.15
CA ILE A 48 -23.28 3.40 5.66
C ILE A 48 -22.71 3.27 7.06
N LYS A 49 -21.72 4.09 7.39
CA LYS A 49 -21.14 4.12 8.73
C LYS A 49 -21.19 5.54 9.29
N ILE A 50 -21.56 5.65 10.57
CA ILE A 50 -21.66 6.92 11.29
C ILE A 50 -20.49 7.08 12.24
N TRP A 51 -19.86 8.25 12.23
CA TRP A 51 -18.66 8.50 13.03
C TRP A 51 -18.80 9.81 13.80
N GLY A 52 -18.22 9.83 15.00
CA GLY A 52 -18.16 11.07 15.75
C GLY A 52 -17.22 12.04 15.09
N ALA A 53 -17.68 13.29 14.91
CA ALA A 53 -16.97 14.24 14.05
C ALA A 53 -15.73 14.83 14.70
N TYR A 54 -15.67 14.86 16.04
CA TYR A 54 -14.54 15.45 16.75
C TYR A 54 -13.64 14.41 17.39
N ASP A 55 -14.14 13.21 17.67
CA ASP A 55 -13.36 12.14 18.28
C ASP A 55 -13.07 10.99 17.34
N GLY A 56 -13.58 11.01 16.12
CA GLY A 56 -13.40 9.91 15.19
C GLY A 56 -14.09 8.62 15.61
N LYS A 57 -14.85 8.66 16.69
CA LYS A 57 -15.36 7.43 17.28
C LYS A 57 -16.38 6.76 16.37
N PHE A 58 -16.17 5.48 16.08
CA PHE A 58 -17.19 4.71 15.37
C PHE A 58 -18.48 4.71 16.16
N GLU A 59 -19.58 4.98 15.48
CA GLU A 59 -20.87 5.04 16.13
C GLU A 59 -21.82 3.92 15.74
N LYS A 60 -21.97 3.62 14.46
CA LYS A 60 -23.09 2.82 13.98
C LYS A 60 -22.82 2.36 12.56
N THR A 61 -23.37 1.18 12.22
CA THR A 61 -23.39 0.62 10.87
C THR A 61 -24.83 0.55 10.41
N ILE A 62 -25.10 1.18 9.28
CA ILE A 62 -26.47 1.13 8.67
C ILE A 62 -26.41 0.24 7.43
N SER A 63 -27.27 -0.78 7.38
CA SER A 63 -27.28 -1.77 6.29
C SER A 63 -28.69 -1.87 5.70
N GLY A 64 -28.80 -2.45 4.50
CA GLY A 64 -30.11 -2.60 3.83
C GLY A 64 -30.01 -2.59 2.33
N HIS A 65 -29.13 -1.77 1.76
CA HIS A 65 -28.93 -1.72 0.29
C HIS A 65 -28.39 -3.05 -0.23
N LYS A 66 -28.76 -3.40 -1.46
CA LYS A 66 -28.36 -4.68 -2.03
C LYS A 66 -27.12 -4.58 -2.91
N LEU A 67 -26.73 -3.38 -3.33
CA LEU A 67 -25.51 -3.18 -4.09
C LEU A 67 -24.80 -1.99 -3.50
N GLY A 68 -23.63 -1.67 -4.05
CA GLY A 68 -22.87 -0.51 -3.61
C GLY A 68 -23.66 0.78 -3.51
N ILE A 69 -23.22 1.68 -2.65
CA ILE A 69 -23.84 2.98 -2.44
C ILE A 69 -22.90 4.05 -2.95
N SER A 70 -23.41 4.95 -3.79
CA SER A 70 -22.59 5.98 -4.39
C SER A 70 -22.67 7.32 -3.67
N ASP A 71 -23.68 7.55 -2.86
CA ASP A 71 -23.84 8.86 -2.23
C ASP A 71 -24.68 8.72 -0.98
N VAL A 72 -24.51 9.70 -0.09
CA VAL A 72 -25.35 9.81 1.10
C VAL A 72 -25.51 11.29 1.40
N ALA A 73 -26.60 11.65 2.09
CA ALA A 73 -26.83 13.05 2.46
C ALA A 73 -27.72 13.13 3.69
N TRP A 74 -27.57 14.24 4.42
CA TRP A 74 -28.23 14.46 5.70
C TRP A 74 -29.44 15.37 5.55
N SER A 75 -30.48 15.13 6.34
CA SER A 75 -31.52 16.13 6.50
C SER A 75 -31.04 17.28 7.40
N SER A 76 -31.72 18.43 7.27
CA SER A 76 -31.29 19.62 8.00
C SER A 76 -31.26 19.40 9.51
N ASP A 77 -32.20 18.63 10.05
CA ASP A 77 -32.19 18.43 11.50
C ASP A 77 -31.19 17.36 11.98
N SER A 78 -30.40 16.81 11.06
CA SER A 78 -29.37 15.78 11.34
C SER A 78 -29.95 14.48 11.87
N ASN A 79 -31.26 14.26 11.66
CA ASN A 79 -31.90 13.05 12.14
C ASN A 79 -32.15 12.02 11.04
N LEU A 80 -32.16 12.44 9.78
CA LEU A 80 -32.41 11.55 8.68
C LEU A 80 -31.20 11.50 7.75
N LEU A 81 -31.16 10.43 6.96
CA LEU A 81 -30.18 10.26 5.90
C LEU A 81 -30.91 9.81 4.65
N VAL A 82 -30.36 10.15 3.48
CA VAL A 82 -30.73 9.52 2.22
C VAL A 82 -29.48 9.00 1.53
N SER A 83 -29.58 7.80 0.95
CA SER A 83 -28.48 7.16 0.25
C SER A 83 -28.90 6.79 -1.17
N ALA A 84 -27.91 6.65 -2.05
CA ALA A 84 -28.13 6.34 -3.46
C ALA A 84 -27.32 5.11 -3.88
N SER A 85 -27.98 4.11 -4.46
CA SER A 85 -27.40 2.79 -4.64
C SER A 85 -27.52 2.30 -6.07
N ASP A 86 -26.52 1.51 -6.48
CA ASP A 86 -26.59 0.71 -7.70
C ASP A 86 -27.76 -0.26 -7.73
N ASP A 87 -28.47 -0.46 -6.62
CA ASP A 87 -29.67 -1.29 -6.65
C ASP A 87 -30.89 -0.57 -7.20
N LYS A 88 -30.71 0.64 -7.75
CA LYS A 88 -31.73 1.44 -8.45
C LYS A 88 -32.71 2.10 -7.48
N THR A 89 -32.40 2.09 -6.19
CA THR A 89 -33.22 2.70 -5.16
C THR A 89 -32.43 3.76 -4.44
N LEU A 90 -33.17 4.67 -3.81
CA LEU A 90 -32.67 5.45 -2.68
C LEU A 90 -33.35 4.92 -1.43
N LYS A 91 -32.77 5.24 -0.29
CA LYS A 91 -33.37 4.85 0.98
C LYS A 91 -33.31 6.01 1.96
N ILE A 92 -34.40 6.18 2.72
CA ILE A 92 -34.46 7.14 3.81
C ILE A 92 -34.28 6.37 5.11
N TRP A 93 -33.29 6.78 5.90
CA TRP A 93 -32.93 6.12 7.14
C TRP A 93 -33.20 7.02 8.32
N ASP A 94 -33.62 6.44 9.44
CA ASP A 94 -33.56 7.13 10.72
C ASP A 94 -32.18 6.90 11.34
N VAL A 95 -31.42 7.98 11.55
CA VAL A 95 -30.06 7.84 12.05
C VAL A 95 -30.02 7.24 13.47
N SER A 96 -30.97 7.64 14.33
CA SER A 96 -30.89 7.20 15.72
C SER A 96 -30.97 5.68 15.83
N SER A 97 -31.93 5.07 15.16
CA SER A 97 -32.13 3.63 15.24
C SER A 97 -31.48 2.86 14.10
N GLY A 98 -30.98 3.55 13.06
CA GLY A 98 -30.43 2.89 11.90
C GLY A 98 -31.45 2.23 11.00
N LYS A 99 -32.73 2.54 11.16
CA LYS A 99 -33.77 1.83 10.44
C LYS A 99 -34.06 2.50 9.09
N CYS A 100 -34.36 1.68 8.08
CA CYS A 100 -34.83 2.19 6.80
C CYS A 100 -36.30 2.55 6.92
N LEU A 101 -36.63 3.83 6.71
CA LEU A 101 -38.03 4.20 6.79
C LEU A 101 -38.77 4.00 5.47
N LYS A 102 -38.06 4.04 4.34
CA LYS A 102 -38.70 3.96 3.03
C LYS A 102 -37.64 3.71 1.96
N THR A 103 -37.99 2.92 0.97
CA THR A 103 -37.16 2.71 -0.19
C THR A 103 -37.81 3.44 -1.37
N LEU A 104 -37.10 4.41 -1.93
CA LEU A 104 -37.61 5.20 -3.05
C LEU A 104 -37.27 4.44 -4.32
N LYS A 105 -38.30 3.80 -4.88
CA LYS A 105 -38.21 3.08 -6.15
C LYS A 105 -38.79 3.95 -7.26
N GLY A 106 -38.12 3.91 -8.41
CA GLY A 106 -38.58 4.62 -9.60
C GLY A 106 -37.50 4.68 -10.67
N HIS A 107 -36.26 4.92 -10.28
CA HIS A 107 -35.20 4.98 -11.26
C HIS A 107 -35.03 3.61 -11.90
N SER A 108 -34.66 3.61 -13.17
CA SER A 108 -34.52 2.36 -13.89
C SER A 108 -33.08 1.91 -14.03
N ASN A 109 -32.13 2.64 -13.46
CA ASN A 109 -30.73 2.25 -13.48
C ASN A 109 -30.10 2.75 -12.18
N TYR A 110 -28.78 2.65 -12.08
CA TYR A 110 -28.07 3.08 -10.87
C TYR A 110 -28.44 4.50 -10.47
N VAL A 111 -28.65 4.70 -9.16
CA VAL A 111 -28.79 6.05 -8.61
C VAL A 111 -27.43 6.47 -8.07
N PHE A 112 -26.96 7.65 -8.48
CA PHE A 112 -25.58 8.05 -8.29
C PHE A 112 -25.36 9.15 -7.26
N CYS A 113 -26.36 10.00 -7.01
CA CYS A 113 -26.16 11.20 -6.19
C CYS A 113 -27.51 11.62 -5.64
N CYS A 114 -27.48 12.25 -4.46
CA CYS A 114 -28.71 12.60 -3.77
C CYS A 114 -28.48 13.76 -2.80
N ASN A 115 -29.58 14.42 -2.43
CA ASN A 115 -29.50 15.60 -1.58
C ASN A 115 -30.90 16.01 -1.12
N PHE A 116 -30.99 16.42 0.15
CA PHE A 116 -32.15 17.13 0.70
C PHE A 116 -32.09 18.62 0.33
N ASN A 117 -33.25 19.26 0.27
CA ASN A 117 -33.32 20.72 0.21
C ASN A 117 -33.19 21.29 1.63
N PRO A 118 -32.92 22.60 1.78
CA PRO A 118 -32.79 23.16 3.14
C PRO A 118 -33.96 22.85 4.06
N GLN A 119 -35.18 22.94 3.55
CA GLN A 119 -36.33 22.59 4.36
C GLN A 119 -36.36 21.10 4.71
N SER A 120 -35.80 20.26 3.83
CA SER A 120 -35.73 18.80 4.04
C SER A 120 -37.10 18.14 3.98
N ASN A 121 -38.00 18.70 3.18
CA ASN A 121 -39.20 18.02 2.76
C ASN A 121 -39.07 17.45 1.35
N LEU A 122 -37.99 17.76 0.64
CA LEU A 122 -37.73 17.22 -0.69
C LEU A 122 -36.38 16.52 -0.70
N ILE A 123 -36.26 15.51 -1.56
CA ILE A 123 -34.99 14.89 -1.90
C ILE A 123 -34.85 14.98 -3.42
N VAL A 124 -33.65 15.34 -3.89
CA VAL A 124 -33.31 15.30 -5.31
C VAL A 124 -32.32 14.15 -5.52
N SER A 125 -32.48 13.43 -6.63
CA SER A 125 -31.64 12.29 -6.94
C SER A 125 -31.30 12.32 -8.43
N GLY A 126 -30.09 11.86 -8.75
CA GLY A 126 -29.65 11.78 -10.12
C GLY A 126 -29.19 10.37 -10.41
N SER A 127 -29.37 9.95 -11.66
CA SER A 127 -29.30 8.53 -11.99
C SER A 127 -28.67 8.29 -13.36
N PHE A 128 -28.21 7.05 -13.53
CA PHE A 128 -27.73 6.57 -14.82
C PHE A 128 -28.85 6.48 -15.84
N ASP A 129 -30.11 6.57 -15.39
CA ASP A 129 -31.22 6.55 -16.32
C ASP A 129 -31.46 7.91 -16.97
N GLU A 130 -30.64 8.91 -16.65
CA GLU A 130 -30.48 10.20 -17.34
C GLU A 130 -31.53 11.20 -16.84
N SER A 131 -32.23 10.86 -15.76
CA SER A 131 -33.27 11.68 -15.20
C SER A 131 -32.86 12.22 -13.83
N VAL A 132 -33.45 13.36 -13.47
CA VAL A 132 -33.42 13.89 -12.12
C VAL A 132 -34.81 13.70 -11.53
N ARG A 133 -34.87 13.22 -10.28
CA ARG A 133 -36.14 12.94 -9.65
C ARG A 133 -36.22 13.71 -8.34
N ILE A 134 -37.41 14.24 -8.06
CA ILE A 134 -37.68 15.01 -6.86
C ILE A 134 -38.68 14.24 -6.03
N TRP A 135 -38.31 13.91 -4.80
CA TRP A 135 -39.11 13.02 -3.97
C TRP A 135 -39.62 13.75 -2.73
N ASP A 136 -40.80 13.35 -2.29
CA ASP A 136 -41.46 13.89 -1.11
C ASP A 136 -40.94 13.16 0.12
N VAL A 137 -40.20 13.87 0.99
CA VAL A 137 -39.64 13.24 2.18
C VAL A 137 -40.75 12.77 3.11
N LYS A 138 -41.89 13.44 3.09
CA LYS A 138 -42.94 13.12 4.03
C LYS A 138 -43.67 11.83 3.67
N THR A 139 -43.96 11.63 2.38
CA THR A 139 -44.68 10.43 1.94
C THR A 139 -43.78 9.36 1.36
N GLY A 140 -42.59 9.71 0.87
CA GLY A 140 -41.78 8.80 0.12
C GLY A 140 -42.11 8.74 -1.36
N LYS A 141 -43.14 9.43 -1.81
CA LYS A 141 -43.58 9.29 -3.19
C LYS A 141 -42.79 10.24 -4.10
N CYS A 142 -42.59 9.80 -5.34
CA CYS A 142 -41.90 10.63 -6.31
C CYS A 142 -42.83 11.75 -6.75
N LEU A 143 -42.33 12.98 -6.77
CA LEU A 143 -43.16 14.09 -7.15
C LEU A 143 -42.98 14.51 -8.60
N LYS A 144 -41.76 14.43 -9.13
CA LYS A 144 -41.45 14.90 -10.46
C LYS A 144 -40.37 14.01 -11.04
N THR A 145 -40.43 13.75 -12.35
CA THR A 145 -39.36 13.07 -13.09
C THR A 145 -38.89 13.97 -14.22
N LEU A 146 -37.66 14.47 -14.11
CA LEU A 146 -37.10 15.41 -15.09
C LEU A 146 -36.23 14.67 -16.09
N PRO A 147 -36.50 14.76 -17.42
CA PRO A 147 -35.62 14.15 -18.44
C PRO A 147 -34.39 15.04 -18.64
N ALA A 148 -33.54 15.01 -17.62
CA ALA A 148 -32.61 16.09 -17.37
C ALA A 148 -31.43 16.10 -18.33
N HIS A 149 -30.97 14.93 -18.76
CA HIS A 149 -29.67 14.83 -19.41
C HIS A 149 -29.68 13.64 -20.35
N SER A 150 -28.71 13.61 -21.24
CA SER A 150 -28.58 12.51 -22.19
C SER A 150 -27.36 11.65 -21.91
N ASP A 151 -27.00 11.52 -20.65
CA ASP A 151 -25.90 10.69 -20.19
C ASP A 151 -26.04 10.66 -18.68
N PRO A 152 -25.24 9.88 -17.94
CA PRO A 152 -25.49 9.74 -16.49
C PRO A 152 -25.39 11.06 -15.74
N VAL A 153 -26.28 11.23 -14.76
CA VAL A 153 -26.29 12.44 -13.96
C VAL A 153 -25.28 12.30 -12.84
N SER A 154 -24.27 13.15 -12.83
CA SER A 154 -23.16 12.97 -11.90
C SER A 154 -23.36 13.68 -10.56
N ALA A 155 -24.23 14.69 -10.47
CA ALA A 155 -24.40 15.45 -9.23
C ALA A 155 -25.72 16.21 -9.27
N VAL A 156 -26.34 16.36 -8.10
CA VAL A 156 -27.56 17.15 -7.92
C VAL A 156 -27.43 17.95 -6.62
N HIS A 157 -27.82 19.23 -6.67
CA HIS A 157 -27.66 20.09 -5.51
C HIS A 157 -28.76 21.14 -5.47
N PHE A 158 -29.26 21.41 -4.26
CA PHE A 158 -30.20 22.49 -4.04
C PHE A 158 -29.45 23.75 -3.67
N ASN A 159 -30.02 24.91 -3.98
CA ASN A 159 -29.42 26.16 -3.53
C ASN A 159 -29.90 26.53 -2.12
N ARG A 160 -29.38 27.67 -1.62
CA ARG A 160 -29.53 28.10 -0.23
C ARG A 160 -30.98 28.08 0.25
N ASP A 161 -31.93 28.51 -0.57
CA ASP A 161 -33.33 28.51 -0.14
C ASP A 161 -34.14 27.42 -0.83
N GLY A 162 -33.49 26.54 -1.58
CA GLY A 162 -34.20 25.42 -2.16
C GLY A 162 -35.12 25.72 -3.33
N SER A 163 -35.17 26.97 -3.81
CA SER A 163 -35.94 27.22 -5.02
C SER A 163 -35.26 26.71 -6.30
N LEU A 164 -33.96 26.40 -6.25
CA LEU A 164 -33.21 25.99 -7.43
C LEU A 164 -32.53 24.65 -7.22
N ILE A 165 -32.44 23.89 -8.32
CA ILE A 165 -31.65 22.67 -8.39
C ILE A 165 -30.62 22.86 -9.50
N VAL A 166 -29.38 22.46 -9.25
CA VAL A 166 -28.39 22.33 -10.30
C VAL A 166 -28.07 20.86 -10.51
N SER A 167 -27.99 20.44 -11.77
CA SER A 167 -27.59 19.09 -12.09
C SER A 167 -26.45 19.11 -13.10
N SER A 168 -25.68 18.03 -13.12
CA SER A 168 -24.50 17.91 -13.96
C SER A 168 -24.49 16.52 -14.60
N SER A 169 -23.84 16.43 -15.76
CA SER A 169 -23.87 15.17 -16.48
C SER A 169 -22.64 15.01 -17.37
N TYR A 170 -22.33 13.76 -17.71
CA TYR A 170 -21.34 13.51 -18.75
C TYR A 170 -21.75 14.02 -20.13
N ASP A 171 -23.00 14.43 -20.30
CA ASP A 171 -23.38 15.10 -21.55
C ASP A 171 -22.69 16.44 -21.73
N GLY A 172 -22.06 16.98 -20.69
CA GLY A 172 -21.35 18.25 -20.75
C GLY A 172 -22.13 19.42 -20.22
N LEU A 173 -23.37 19.20 -19.78
CA LEU A 173 -24.25 20.29 -19.38
C LEU A 173 -24.26 20.43 -17.87
N CYS A 174 -24.41 21.66 -17.43
CA CYS A 174 -24.96 21.95 -16.12
C CYS A 174 -26.34 22.55 -16.37
N ARG A 175 -27.34 22.12 -15.61
CA ARG A 175 -28.67 22.68 -15.75
C ARG A 175 -29.17 23.22 -14.42
N ILE A 176 -29.73 24.42 -14.46
CA ILE A 176 -30.40 25.01 -13.33
C ILE A 176 -31.89 24.79 -13.51
N TRP A 177 -32.55 24.31 -12.46
CA TRP A 177 -33.96 23.91 -12.51
C TRP A 177 -34.77 24.70 -11.51
N ASP A 178 -35.96 25.09 -11.91
CA ASP A 178 -36.91 25.67 -10.96
C ASP A 178 -37.59 24.53 -10.19
N THR A 179 -37.35 24.48 -8.89
CA THR A 179 -37.86 23.36 -8.09
C THR A 179 -39.39 23.28 -8.17
N ALA A 180 -40.07 24.41 -8.01
CA ALA A 180 -41.53 24.40 -7.98
C ALA A 180 -42.13 23.82 -9.24
N SER A 181 -41.60 24.20 -10.41
CA SER A 181 -42.25 23.87 -11.67
C SER A 181 -41.58 22.74 -12.43
N GLY A 182 -40.31 22.46 -12.15
CA GLY A 182 -39.58 21.48 -12.93
C GLY A 182 -38.98 22.03 -14.20
N GLN A 183 -39.18 23.31 -14.48
CA GLN A 183 -38.65 23.86 -15.71
C GLN A 183 -37.17 24.23 -15.54
N CYS A 184 -36.51 24.39 -16.68
CA CYS A 184 -35.09 24.63 -16.72
C CYS A 184 -34.83 26.11 -16.96
N LEU A 185 -34.19 26.77 -16.00
CA LEU A 185 -33.88 28.18 -16.20
C LEU A 185 -32.61 28.38 -17.02
N LYS A 186 -31.62 27.51 -16.90
CA LYS A 186 -30.35 27.72 -17.59
C LYS A 186 -29.70 26.39 -17.93
N THR A 187 -29.16 26.30 -19.14
CA THR A 187 -28.24 25.23 -19.53
C THR A 187 -26.86 25.84 -19.76
N LEU A 188 -25.83 25.29 -19.13
CA LEU A 188 -24.48 25.82 -19.22
C LEU A 188 -23.57 24.85 -19.95
N ILE A 189 -22.91 25.37 -20.98
CA ILE A 189 -22.13 24.58 -21.91
C ILE A 189 -20.82 25.33 -22.16
N ASP A 190 -19.76 24.58 -22.50
CA ASP A 190 -18.44 25.16 -22.60
C ASP A 190 -17.67 24.53 -23.76
N ASP A 191 -16.54 25.15 -24.11
CA ASP A 191 -15.68 24.71 -25.20
C ASP A 191 -15.40 23.22 -25.13
N ASP A 192 -15.52 22.54 -26.26
CA ASP A 192 -15.14 21.15 -26.43
C ASP A 192 -15.94 20.20 -25.53
N ASN A 193 -17.01 20.67 -24.92
CA ASN A 193 -17.99 19.85 -24.21
C ASN A 193 -17.36 18.78 -23.31
N PRO A 194 -16.52 19.17 -22.36
CA PRO A 194 -15.99 18.17 -21.41
C PRO A 194 -17.10 17.61 -20.54
N PRO A 195 -17.05 16.33 -20.20
CA PRO A 195 -18.00 15.78 -19.22
C PRO A 195 -17.88 16.51 -17.89
N VAL A 196 -19.02 16.82 -17.29
CA VAL A 196 -19.06 17.47 -15.99
C VAL A 196 -19.20 16.40 -14.91
N SER A 197 -18.22 16.33 -14.02
CA SER A 197 -18.21 15.23 -13.06
C SER A 197 -18.79 15.60 -11.71
N PHE A 198 -18.89 16.88 -11.40
CA PHE A 198 -19.48 17.32 -10.15
C PHE A 198 -19.95 18.76 -10.31
N VAL A 199 -21.00 19.12 -9.57
CA VAL A 199 -21.45 20.50 -9.51
C VAL A 199 -22.10 20.72 -8.16
N LYS A 200 -22.03 21.98 -7.70
CA LYS A 200 -22.71 22.41 -6.48
C LYS A 200 -22.81 23.94 -6.51
N PHE A 201 -23.90 24.45 -5.94
CA PHE A 201 -24.06 25.88 -5.67
C PHE A 201 -23.02 26.35 -4.65
N SER A 202 -22.64 27.63 -4.75
CA SER A 202 -21.90 28.28 -3.69
C SER A 202 -22.83 28.57 -2.50
N PRO A 203 -22.29 28.79 -1.31
CA PRO A 203 -23.19 28.99 -0.17
C PRO A 203 -24.13 30.18 -0.32
N ASN A 204 -23.72 31.27 -0.97
CA ASN A 204 -24.64 32.37 -1.21
C ASN A 204 -25.59 32.10 -2.36
N GLY A 205 -25.35 31.07 -3.16
CA GLY A 205 -26.24 30.70 -4.23
C GLY A 205 -26.07 31.48 -5.52
N LYS A 206 -25.16 32.44 -5.60
CA LYS A 206 -24.98 33.15 -6.87
C LYS A 206 -24.05 32.42 -7.84
N TYR A 207 -23.26 31.48 -7.37
CA TYR A 207 -22.32 30.80 -8.22
C TYR A 207 -22.55 29.30 -8.17
N ILE A 208 -21.75 28.62 -8.98
CA ILE A 208 -21.84 27.19 -9.25
C ILE A 208 -20.42 26.70 -9.44
N LEU A 209 -20.07 25.64 -8.75
CA LEU A 209 -18.72 25.07 -8.81
C LEU A 209 -18.79 23.75 -9.55
N ALA A 210 -18.10 23.65 -10.68
CA ALA A 210 -18.23 22.52 -11.59
C ALA A 210 -16.87 21.92 -11.88
N ALA A 211 -16.78 20.60 -11.81
CA ALA A 211 -15.56 19.89 -12.13
C ALA A 211 -15.77 19.20 -13.47
N THR A 212 -14.78 19.30 -14.32
CA THR A 212 -14.80 18.60 -15.58
C THR A 212 -13.64 17.62 -15.62
N LEU A 213 -13.82 16.52 -16.36
CA LEU A 213 -12.80 15.48 -16.46
C LEU A 213 -11.63 15.88 -17.36
N ASP A 214 -11.24 17.15 -17.33
CA ASP A 214 -9.99 17.64 -17.89
C ASP A 214 -9.10 18.25 -16.81
N ASN A 215 -9.21 17.74 -15.58
CA ASN A 215 -8.38 18.21 -14.47
C ASN A 215 -8.67 19.67 -14.14
N THR A 216 -9.96 20.01 -14.10
CA THR A 216 -10.35 21.40 -13.96
C THR A 216 -11.60 21.55 -13.09
N LEU A 217 -11.53 22.47 -12.12
CA LEU A 217 -12.72 23.00 -11.46
C LEU A 217 -12.93 24.43 -11.92
N LYS A 218 -14.19 24.82 -12.10
CA LYS A 218 -14.53 26.17 -12.55
C LYS A 218 -15.68 26.75 -11.74
N LEU A 219 -15.51 28.01 -11.34
CA LEU A 219 -16.56 28.79 -10.68
C LEU A 219 -17.28 29.62 -11.73
N TRP A 220 -18.59 29.39 -11.87
CA TRP A 220 -19.41 30.02 -12.89
C TRP A 220 -20.47 30.90 -12.25
N ASP A 221 -20.69 32.08 -12.83
CA ASP A 221 -21.94 32.82 -12.64
C ASP A 221 -22.94 32.23 -13.62
N TYR A 222 -23.79 31.30 -13.14
CA TYR A 222 -24.70 30.61 -14.06
C TYR A 222 -25.73 31.55 -14.68
N SER A 223 -25.93 32.73 -14.10
CA SER A 223 -26.92 33.66 -14.64
C SER A 223 -26.44 34.29 -15.93
N LYS A 224 -25.22 34.79 -15.93
CA LYS A 224 -24.59 35.32 -17.12
C LYS A 224 -23.84 34.26 -17.92
N GLY A 225 -23.70 33.04 -17.39
CA GLY A 225 -22.89 32.04 -18.04
C GLY A 225 -21.42 32.38 -18.13
N LYS A 226 -20.92 33.19 -17.19
CA LYS A 226 -19.54 33.66 -17.18
C LYS A 226 -18.71 32.82 -16.21
N CYS A 227 -17.56 32.34 -16.68
CA CYS A 227 -16.65 31.65 -15.79
C CYS A 227 -15.78 32.68 -15.08
N LEU A 228 -15.78 32.66 -13.74
CA LEU A 228 -15.09 33.68 -12.97
C LEU A 228 -13.75 33.22 -12.44
N LYS A 229 -13.59 31.93 -12.18
CA LYS A 229 -12.40 31.34 -11.57
C LYS A 229 -12.20 29.93 -12.11
N THR A 230 -10.94 29.60 -12.40
CA THR A 230 -10.52 28.27 -12.81
C THR A 230 -9.45 27.78 -11.84
N TYR A 231 -9.58 26.52 -11.40
CA TYR A 231 -8.61 25.89 -10.51
C TYR A 231 -8.06 24.63 -11.15
N THR A 232 -6.73 24.51 -11.16
CA THR A 232 -6.04 23.37 -11.77
C THR A 232 -4.90 22.95 -10.86
N GLY A 233 -4.22 21.87 -11.28
CA GLY A 233 -3.07 21.32 -10.57
C GLY A 233 -3.29 19.91 -10.06
N HIS A 234 -4.53 19.55 -9.79
CA HIS A 234 -4.88 18.21 -9.33
C HIS A 234 -5.09 17.30 -10.53
N LYS A 235 -5.57 16.08 -10.29
CA LYS A 235 -5.76 15.10 -11.34
C LYS A 235 -7.19 14.58 -11.26
N ASN A 236 -7.94 14.77 -12.35
CA ASN A 236 -9.36 14.41 -12.39
C ASN A 236 -9.74 14.13 -13.85
N GLU A 237 -9.56 12.88 -14.25
CA GLU A 237 -9.91 12.45 -15.58
C GLU A 237 -10.82 11.24 -15.63
N LYS A 238 -11.04 10.55 -14.50
CA LYS A 238 -11.73 9.27 -14.53
C LYS A 238 -12.85 9.15 -13.49
N TYR A 239 -12.80 9.89 -12.39
CA TYR A 239 -13.76 9.66 -11.31
C TYR A 239 -14.56 10.92 -11.00
N CYS A 240 -15.77 10.71 -10.49
CA CYS A 240 -16.62 11.83 -10.08
C CYS A 240 -16.23 12.23 -8.66
N ILE A 241 -15.42 13.30 -8.54
CA ILE A 241 -14.80 13.68 -7.28
C ILE A 241 -15.50 14.90 -6.71
N PHE A 242 -15.95 14.80 -5.46
CA PHE A 242 -16.62 15.90 -4.78
C PHE A 242 -15.66 17.07 -4.56
N ALA A 243 -16.18 18.29 -4.66
CA ALA A 243 -15.47 19.51 -4.27
C ALA A 243 -16.34 20.35 -3.34
N ASN A 244 -15.71 21.29 -2.64
CA ASN A 244 -16.35 22.04 -1.55
C ASN A 244 -15.82 23.45 -1.45
N PHE A 245 -16.69 24.33 -0.96
CA PHE A 245 -16.32 25.65 -0.46
C PHE A 245 -16.03 25.53 1.04
N SER A 246 -14.85 25.96 1.47
CA SER A 246 -14.52 26.01 2.89
C SER A 246 -14.65 27.45 3.38
N VAL A 247 -15.43 27.65 4.45
CA VAL A 247 -15.80 29.00 4.87
C VAL A 247 -15.52 29.23 6.36
N THR A 248 -15.22 28.17 7.11
CA THR A 248 -15.04 28.32 8.55
C THR A 248 -13.82 29.19 8.89
N GLY A 249 -12.77 29.14 8.06
CA GLY A 249 -11.62 30.01 8.22
C GLY A 249 -11.36 30.83 6.97
N GLY A 250 -10.17 30.70 6.38
CA GLY A 250 -9.94 31.27 5.06
C GLY A 250 -10.88 30.71 4.03
N LYS A 251 -11.05 31.45 2.93
CA LYS A 251 -11.98 31.04 1.89
C LYS A 251 -11.27 30.12 0.91
N TRP A 252 -11.62 28.84 0.95
CA TRP A 252 -10.88 27.85 0.17
C TRP A 252 -11.82 27.11 -0.76
N ILE A 253 -11.22 26.52 -1.79
CA ILE A 253 -11.82 25.46 -2.59
C ILE A 253 -11.07 24.17 -2.26
N VAL A 254 -11.82 23.09 -2.03
CA VAL A 254 -11.26 21.84 -1.54
C VAL A 254 -11.68 20.73 -2.48
N SER A 255 -10.74 19.87 -2.85
CA SER A 255 -11.13 18.76 -3.71
C SER A 255 -10.19 17.58 -3.50
N GLY A 256 -10.72 16.40 -3.79
CA GLY A 256 -9.90 15.23 -3.95
C GLY A 256 -9.25 15.23 -5.30
N SER A 257 -8.47 14.18 -5.55
CA SER A 257 -7.68 14.11 -6.77
C SER A 257 -7.24 12.67 -6.98
N GLU A 258 -7.02 12.34 -8.25
CA GLU A 258 -6.64 10.98 -8.63
C GLU A 258 -5.16 10.69 -8.36
N ASP A 259 -4.41 11.62 -7.78
CA ASP A 259 -3.05 11.35 -7.33
C ASP A 259 -2.97 11.17 -5.81
N ASN A 260 -4.09 10.76 -5.19
CA ASN A 260 -4.18 10.37 -3.79
C ASN A 260 -3.99 11.54 -2.83
N LEU A 261 -4.19 12.77 -3.31
CA LEU A 261 -3.98 13.96 -2.52
C LEU A 261 -5.30 14.72 -2.35
N VAL A 262 -5.40 15.45 -1.24
CA VAL A 262 -6.44 16.46 -1.09
C VAL A 262 -5.84 17.80 -1.47
N TYR A 263 -6.47 18.51 -2.43
CA TYR A 263 -6.02 19.82 -2.89
C TYR A 263 -6.85 20.92 -2.25
N ILE A 264 -6.19 22.01 -1.84
CA ILE A 264 -6.88 23.18 -1.31
C ILE A 264 -6.37 24.41 -2.07
N TRP A 265 -7.30 25.22 -2.56
CA TRP A 265 -6.95 26.45 -3.27
C TRP A 265 -7.48 27.68 -2.54
N ASN A 266 -6.75 28.79 -2.68
CA ASN A 266 -7.32 30.09 -2.39
C ASN A 266 -8.37 30.41 -3.45
N LEU A 267 -9.62 30.59 -3.01
CA LEU A 267 -10.73 30.77 -3.95
C LEU A 267 -10.51 31.98 -4.86
N GLN A 268 -9.97 33.09 -4.34
CA GLN A 268 -9.87 34.30 -5.14
C GLN A 268 -8.64 34.33 -6.04
N THR A 269 -7.49 33.86 -5.55
CA THR A 269 -6.26 33.93 -6.31
C THR A 269 -6.05 32.73 -7.22
N LYS A 270 -6.78 31.63 -6.99
CA LYS A 270 -6.72 30.38 -7.74
C LYS A 270 -5.48 29.56 -7.44
N GLU A 271 -4.72 29.91 -6.39
CA GLU A 271 -3.46 29.25 -6.09
C GLU A 271 -3.63 28.08 -5.13
N ILE A 272 -2.88 27.00 -5.38
CA ILE A 272 -2.85 25.91 -4.42
C ILE A 272 -2.18 26.39 -3.14
N VAL A 273 -2.86 26.22 -2.01
CA VAL A 273 -2.33 26.66 -0.73
C VAL A 273 -1.91 25.50 0.16
N GLN A 274 -2.45 24.29 -0.05
CA GLN A 274 -2.04 23.12 0.71
C GLN A 274 -2.42 21.85 -0.05
N LYS A 275 -1.54 20.86 0.01
CA LYS A 275 -1.84 19.53 -0.50
C LYS A 275 -1.71 18.55 0.66
N LEU A 276 -2.75 17.74 0.90
CA LEU A 276 -2.78 16.83 2.05
C LEU A 276 -2.40 15.44 1.59
N GLN A 277 -1.31 14.91 2.14
CA GLN A 277 -0.78 13.61 1.77
C GLN A 277 -1.08 12.61 2.87
N GLY A 278 -1.45 11.38 2.49
CA GLY A 278 -1.73 10.37 3.48
C GLY A 278 -2.50 9.17 2.98
N HIS A 279 -3.47 9.40 2.08
CA HIS A 279 -4.22 8.32 1.45
C HIS A 279 -3.33 7.51 0.50
N THR A 280 -3.77 6.28 0.21
CA THR A 280 -3.05 5.38 -0.67
C THR A 280 -3.87 5.02 -1.91
N ASP A 281 -4.85 5.84 -2.26
CA ASP A 281 -5.65 5.66 -3.46
C ASP A 281 -6.36 6.97 -3.70
N VAL A 282 -6.96 7.08 -4.88
CA VAL A 282 -7.82 8.19 -5.27
C VAL A 282 -8.68 8.70 -4.12
N VAL A 283 -8.62 10.02 -3.87
CA VAL A 283 -9.49 10.68 -2.91
C VAL A 283 -10.76 11.07 -3.65
N ILE A 284 -11.83 10.31 -3.45
CA ILE A 284 -13.05 10.51 -4.24
C ILE A 284 -13.98 11.56 -3.62
N SER A 285 -13.90 11.74 -2.30
CA SER A 285 -14.81 12.60 -1.56
C SER A 285 -14.05 13.42 -0.54
N THR A 286 -14.55 14.63 -0.30
CA THR A 286 -14.09 15.50 0.77
C THR A 286 -15.32 16.23 1.30
N ALA A 287 -15.24 16.66 2.57
CA ALA A 287 -16.30 17.46 3.16
C ALA A 287 -15.70 18.41 4.18
N CYS A 288 -16.34 19.58 4.30
CA CYS A 288 -15.92 20.62 5.22
C CYS A 288 -16.93 20.68 6.35
N HIS A 289 -16.45 20.53 7.57
CA HIS A 289 -17.24 20.68 8.78
C HIS A 289 -17.98 22.02 8.81
N PRO A 290 -19.19 22.05 9.37
CA PRO A 290 -19.97 23.30 9.32
C PRO A 290 -19.41 24.43 10.18
N THR A 291 -18.76 24.16 11.31
CA THR A 291 -18.27 25.25 12.15
C THR A 291 -16.78 25.22 12.42
N GLU A 292 -16.13 24.06 12.42
CA GLU A 292 -14.70 23.98 12.71
C GLU A 292 -13.91 23.83 11.42
N ASN A 293 -12.60 24.07 11.52
CA ASN A 293 -11.68 23.91 10.39
C ASN A 293 -11.23 22.44 10.31
N ILE A 294 -12.18 21.58 9.94
CA ILE A 294 -11.96 20.16 9.84
C ILE A 294 -12.42 19.72 8.47
N ILE A 295 -11.61 18.88 7.83
CA ILE A 295 -11.89 18.33 6.51
C ILE A 295 -11.98 16.82 6.67
N ALA A 296 -12.99 16.21 6.06
CA ALA A 296 -13.04 14.76 5.94
C ALA A 296 -12.74 14.39 4.49
N SER A 297 -12.01 13.28 4.31
CA SER A 297 -11.65 12.82 2.98
C SER A 297 -11.75 11.31 2.96
N ALA A 298 -12.06 10.76 1.78
CA ALA A 298 -12.34 9.34 1.61
C ALA A 298 -11.69 8.85 0.32
N ALA A 299 -11.21 7.61 0.34
CA ALA A 299 -10.41 7.06 -0.75
C ALA A 299 -10.95 5.70 -1.20
N LEU A 300 -10.38 5.19 -2.30
CA LEU A 300 -10.95 4.05 -3.02
C LEU A 300 -10.32 2.73 -2.55
N GLU A 301 -10.41 1.70 -3.40
CA GLU A 301 -10.30 0.31 -2.99
C GLU A 301 -9.00 -0.01 -2.28
N ASN A 302 -7.92 0.63 -2.68
CA ASN A 302 -6.62 0.36 -2.09
C ASN A 302 -6.37 1.14 -0.82
N ASP A 303 -7.39 1.83 -0.29
CA ASP A 303 -7.22 2.64 0.90
C ASP A 303 -8.35 2.29 1.86
N LYS A 304 -9.61 2.54 1.45
CA LYS A 304 -10.81 2.08 2.15
C LYS A 304 -11.12 2.91 3.39
N THR A 305 -10.46 4.04 3.60
CA THR A 305 -10.59 4.72 4.88
C THR A 305 -11.03 6.16 4.71
N ILE A 306 -11.55 6.70 5.81
CA ILE A 306 -11.83 8.12 5.97
C ILE A 306 -10.69 8.73 6.80
N LYS A 307 -10.36 9.97 6.49
CA LYS A 307 -9.38 10.71 7.25
C LYS A 307 -10.01 12.04 7.66
N LEU A 308 -9.67 12.49 8.86
CA LEU A 308 -10.10 13.79 9.35
C LEU A 308 -8.84 14.61 9.58
N TRP A 309 -8.85 15.84 9.07
CA TRP A 309 -7.71 16.74 9.17
C TRP A 309 -8.14 18.03 9.83
N LYS A 310 -7.20 18.70 10.50
CA LYS A 310 -7.52 19.86 11.31
C LYS A 310 -6.49 20.95 11.06
N SER A 311 -6.95 22.20 11.08
CA SER A 311 -6.12 23.35 10.77
C SER A 311 -6.51 24.50 11.69
N ASP A 312 -5.55 25.41 11.92
CA ASP A 312 -5.81 26.59 12.76
C ASP A 312 -6.52 27.72 12.03
N CYS A 313 -6.79 27.58 10.74
CA CYS A 313 -7.44 28.67 10.00
C CYS A 313 -7.99 28.13 8.70
N VAL B 10 15.11 13.81 31.80
CA VAL B 10 14.51 12.78 32.65
C VAL B 10 12.96 12.84 32.62
N LYS B 11 12.44 13.51 31.61
CA LYS B 11 11.01 13.60 31.39
C LYS B 11 10.75 13.42 29.91
N PRO B 12 9.92 12.45 29.51
CA PRO B 12 9.47 12.40 28.11
C PRO B 12 8.43 13.48 27.85
N ASN B 13 8.13 13.69 26.57
CA ASN B 13 7.16 14.71 26.16
C ASN B 13 6.30 14.11 25.04
N TYR B 14 5.67 12.98 25.34
CA TYR B 14 4.78 12.37 24.37
C TYR B 14 3.63 13.31 24.08
N ALA B 15 3.33 13.48 22.79
CA ALA B 15 2.18 14.24 22.35
C ALA B 15 1.39 13.43 21.32
N LEU B 16 0.08 13.64 21.30
CA LEU B 16 -0.81 12.92 20.40
C LEU B 16 -0.50 13.25 18.95
N LYS B 17 -0.24 12.23 18.15
CA LYS B 17 -0.12 12.42 16.70
C LYS B 17 -1.40 12.04 15.96
N PHE B 18 -1.81 10.78 16.05
CA PHE B 18 -2.95 10.24 15.31
C PHE B 18 -3.87 9.46 16.24
N THR B 19 -5.13 9.36 15.82
CA THR B 19 -6.09 8.45 16.43
C THR B 19 -6.65 7.56 15.32
N LEU B 20 -6.62 6.24 15.56
CA LEU B 20 -7.08 5.25 14.58
C LEU B 20 -8.39 4.63 15.07
N ALA B 21 -9.42 4.73 14.25
CA ALA B 21 -10.75 4.21 14.57
C ALA B 21 -11.16 3.18 13.53
N GLY B 22 -12.00 2.25 13.95
CA GLY B 22 -12.47 1.28 12.99
C GLY B 22 -13.09 0.06 13.63
N HIS B 23 -12.54 -0.35 14.76
CA HIS B 23 -13.11 -1.48 15.49
C HIS B 23 -14.51 -1.12 16.01
N THR B 24 -15.40 -2.10 16.00
CA THR B 24 -16.79 -1.84 16.38
C THR B 24 -17.09 -2.24 17.82
N LYS B 25 -16.10 -2.77 18.53
CA LYS B 25 -16.18 -3.04 19.96
C LYS B 25 -14.84 -2.65 20.57
N ALA B 26 -14.72 -2.83 21.89
CA ALA B 26 -13.46 -2.59 22.60
C ALA B 26 -12.25 -3.15 21.86
N VAL B 27 -11.19 -2.35 21.79
CA VAL B 27 -9.90 -2.82 21.32
C VAL B 27 -9.22 -3.55 22.47
N SER B 28 -8.64 -4.71 22.19
CA SER B 28 -8.08 -5.52 23.27
C SER B 28 -6.57 -5.45 23.37
N SER B 29 -5.86 -5.13 22.29
CA SER B 29 -4.43 -5.25 22.33
C SER B 29 -3.82 -4.47 21.17
N VAL B 30 -2.61 -3.97 21.39
CA VAL B 30 -1.81 -3.37 20.32
C VAL B 30 -0.37 -3.83 20.47
N LYS B 31 0.27 -4.15 19.34
CA LYS B 31 1.64 -4.61 19.29
C LYS B 31 2.31 -4.06 18.03
N PHE B 32 3.50 -3.50 18.21
CA PHE B 32 4.33 -3.06 17.09
C PHE B 32 5.11 -4.23 16.52
N SER B 33 5.23 -4.27 15.19
CA SER B 33 6.05 -5.33 14.60
C SER B 33 7.51 -5.13 15.02
N PRO B 34 8.26 -6.21 15.22
CA PRO B 34 9.68 -6.05 15.57
C PRO B 34 10.46 -5.26 14.54
N ASN B 35 10.07 -5.29 13.27
CA ASN B 35 10.83 -4.52 12.31
C ASN B 35 10.44 -3.04 12.29
N GLY B 36 9.53 -2.61 13.15
CA GLY B 36 9.18 -1.21 13.26
C GLY B 36 8.29 -0.67 12.16
N GLU B 37 7.69 -1.53 11.33
CA GLU B 37 6.93 -1.02 10.20
C GLU B 37 5.42 -1.06 10.41
N TRP B 38 4.91 -1.88 11.32
CA TRP B 38 3.48 -2.12 11.40
C TRP B 38 3.01 -2.05 12.84
N LEU B 39 1.72 -1.78 12.99
CA LEU B 39 0.98 -1.91 14.24
C LEU B 39 -0.15 -2.92 14.03
N ALA B 40 -0.34 -3.80 14.99
CA ALA B 40 -1.46 -4.73 14.95
C ALA B 40 -2.43 -4.36 16.07
N SER B 41 -3.72 -4.44 15.78
CA SER B 41 -4.71 -4.28 16.83
C SER B 41 -5.63 -5.48 16.80
N SER B 42 -6.01 -5.95 18.00
CA SER B 42 -7.07 -6.94 18.13
C SER B 42 -8.22 -6.30 18.91
N SER B 43 -9.42 -6.88 18.73
CA SER B 43 -10.62 -6.31 19.32
C SER B 43 -11.61 -7.41 19.69
N ALA B 44 -12.50 -7.06 20.61
CA ALA B 44 -13.66 -7.89 20.93
C ALA B 44 -14.60 -8.06 19.74
N ASP B 45 -14.42 -7.28 18.66
CA ASP B 45 -15.21 -7.40 17.44
C ASP B 45 -14.74 -8.55 16.54
N LYS B 46 -13.88 -9.42 17.07
CA LYS B 46 -13.36 -10.62 16.41
C LYS B 46 -12.36 -10.32 15.32
N LEU B 47 -11.83 -9.11 15.25
CA LEU B 47 -10.98 -8.73 14.13
C LEU B 47 -9.59 -8.34 14.61
N ILE B 48 -8.61 -8.60 13.76
CA ILE B 48 -7.29 -8.02 13.85
C ILE B 48 -7.14 -7.00 12.73
N LYS B 49 -6.60 -5.84 13.05
CA LYS B 49 -6.37 -4.84 12.02
C LYS B 49 -4.89 -4.52 11.97
N ILE B 50 -4.37 -4.36 10.76
CA ILE B 50 -2.96 -4.02 10.56
C ILE B 50 -2.87 -2.59 10.06
N TRP B 51 -2.02 -1.81 10.72
CA TRP B 51 -1.80 -0.40 10.44
C TRP B 51 -0.32 -0.14 10.20
N GLY B 52 -0.02 0.93 9.49
CA GLY B 52 1.34 1.44 9.49
C GLY B 52 1.74 1.91 10.88
N ALA B 53 3.05 1.78 11.18
CA ALA B 53 3.52 2.00 12.54
C ALA B 53 3.25 3.43 13.00
N TYR B 54 3.52 4.42 12.15
CA TYR B 54 3.31 5.80 12.56
C TYR B 54 2.98 6.73 11.40
N ASP B 55 2.36 6.20 10.34
CA ASP B 55 1.94 7.06 9.23
C ASP B 55 0.44 7.28 9.20
N GLY B 56 -0.31 6.75 10.16
CA GLY B 56 -1.74 6.93 10.16
C GLY B 56 -2.49 6.10 9.14
N LYS B 57 -1.83 5.17 8.47
CA LYS B 57 -2.40 4.55 7.29
C LYS B 57 -2.75 3.10 7.56
N PHE B 58 -3.98 2.73 7.20
CA PHE B 58 -4.53 1.41 7.45
C PHE B 58 -4.09 0.42 6.37
N GLU B 59 -3.78 -0.80 6.78
CA GLU B 59 -3.23 -1.76 5.83
C GLU B 59 -4.23 -2.86 5.48
N LYS B 60 -4.80 -3.57 6.45
CA LYS B 60 -5.74 -4.65 6.13
C LYS B 60 -6.47 -5.10 7.38
N THR B 61 -7.55 -5.83 7.16
CA THR B 61 -8.32 -6.42 8.28
C THR B 61 -8.17 -7.95 8.20
N ILE B 62 -7.83 -8.58 9.31
CA ILE B 62 -7.71 -10.06 9.36
C ILE B 62 -8.94 -10.63 10.06
N SER B 63 -9.59 -11.62 9.45
CA SER B 63 -10.87 -12.18 9.96
C SER B 63 -10.79 -13.70 10.06
N GLY B 64 -11.63 -14.31 10.89
CA GLY B 64 -11.66 -15.77 11.03
C GLY B 64 -12.03 -16.26 12.42
N HIS B 65 -11.69 -15.54 13.48
CA HIS B 65 -12.11 -16.00 14.79
C HIS B 65 -13.62 -15.84 14.93
N LYS B 66 -14.22 -16.72 15.73
CA LYS B 66 -15.67 -16.72 15.86
C LYS B 66 -16.15 -15.99 17.12
N LEU B 67 -15.27 -15.70 18.05
CA LEU B 67 -15.57 -14.85 19.20
C LEU B 67 -14.44 -13.82 19.34
N GLY B 68 -14.54 -12.97 20.36
CA GLY B 68 -13.60 -11.88 20.48
C GLY B 68 -12.18 -12.34 20.76
N ILE B 69 -11.23 -11.49 20.36
CA ILE B 69 -9.80 -11.75 20.48
C ILE B 69 -9.24 -10.93 21.64
N SER B 70 -8.52 -11.60 22.54
CA SER B 70 -7.99 -10.93 23.72
C SER B 70 -6.53 -10.52 23.58
N ASP B 71 -5.82 -11.02 22.57
CA ASP B 71 -4.38 -10.81 22.47
C ASP B 71 -3.87 -11.25 21.11
N VAL B 72 -2.79 -10.61 20.67
CA VAL B 72 -2.15 -10.89 19.40
C VAL B 72 -0.66 -10.61 19.57
N ALA B 73 0.18 -11.31 18.80
CA ALA B 73 1.62 -11.14 18.93
C ALA B 73 2.34 -11.46 17.63
N TRP B 74 3.47 -10.79 17.40
CA TRP B 74 4.27 -10.94 16.19
C TRP B 74 5.35 -12.02 16.35
N SER B 75 5.71 -12.64 15.24
CA SER B 75 6.95 -13.42 15.17
C SER B 75 8.15 -12.48 14.96
N SER B 76 9.34 -12.98 15.29
CA SER B 76 10.55 -12.17 15.23
C SER B 76 10.82 -11.62 13.83
N ASP B 77 10.35 -12.30 12.78
CA ASP B 77 10.60 -11.80 11.44
C ASP B 77 9.49 -10.87 10.93
N SER B 78 8.50 -10.57 11.76
CA SER B 78 7.38 -9.68 11.44
C SER B 78 6.46 -10.25 10.38
N ASN B 79 6.67 -11.49 9.95
CA ASN B 79 5.84 -12.08 8.92
C ASN B 79 4.60 -12.79 9.47
N LEU B 80 4.61 -13.17 10.75
CA LEU B 80 3.54 -13.98 11.29
C LEU B 80 2.92 -13.29 12.49
N LEU B 81 1.65 -13.63 12.72
CA LEU B 81 0.88 -13.21 13.89
C LEU B 81 0.29 -14.44 14.53
N VAL B 82 0.12 -14.40 15.84
CA VAL B 82 -0.73 -15.36 16.53
C VAL B 82 -1.74 -14.59 17.37
N SER B 83 -2.97 -15.09 17.41
CA SER B 83 -4.04 -14.44 18.14
C SER B 83 -4.70 -15.43 19.11
N ALA B 84 -5.15 -14.92 20.25
CA ALA B 84 -5.85 -15.71 21.25
C ALA B 84 -7.30 -15.25 21.30
N SER B 85 -8.24 -16.18 21.38
CA SER B 85 -9.63 -15.83 21.22
C SER B 85 -10.51 -16.60 22.19
N ASP B 86 -11.61 -15.96 22.60
CA ASP B 86 -12.67 -16.62 23.35
C ASP B 86 -13.28 -17.81 22.61
N ASP B 87 -13.00 -18.00 21.32
CA ASP B 87 -13.46 -19.24 20.69
C ASP B 87 -12.66 -20.46 21.12
N LYS B 88 -11.77 -20.35 22.13
CA LYS B 88 -10.97 -21.45 22.67
C LYS B 88 -9.81 -21.83 21.75
N THR B 89 -9.51 -21.04 20.73
CA THR B 89 -8.43 -21.39 19.81
C THR B 89 -7.44 -20.22 19.72
N LEU B 90 -6.22 -20.56 19.30
CA LEU B 90 -5.28 -19.61 18.73
C LEU B 90 -5.26 -19.84 17.23
N LYS B 91 -4.94 -18.78 16.51
CA LYS B 91 -4.79 -18.89 15.07
C LYS B 91 -3.44 -18.30 14.66
N ILE B 92 -2.75 -19.00 13.78
CA ILE B 92 -1.52 -18.49 13.19
C ILE B 92 -1.85 -17.88 11.84
N TRP B 93 -1.45 -16.63 11.65
CA TRP B 93 -1.78 -15.83 10.48
C TRP B 93 -0.51 -15.47 9.72
N ASP B 94 -0.57 -15.57 8.38
CA ASP B 94 0.40 -14.93 7.49
C ASP B 94 -0.07 -13.48 7.29
N VAL B 95 0.74 -12.53 7.76
CA VAL B 95 0.30 -11.13 7.79
C VAL B 95 0.11 -10.59 6.37
N SER B 96 1.03 -10.95 5.47
CA SER B 96 0.98 -10.40 4.12
C SER B 96 -0.32 -10.77 3.41
N SER B 97 -0.74 -12.03 3.52
CA SER B 97 -1.96 -12.47 2.84
C SER B 97 -3.20 -12.39 3.73
N GLY B 98 -3.05 -12.21 5.03
CA GLY B 98 -4.18 -12.31 5.92
C GLY B 98 -4.69 -13.72 6.12
N LYS B 99 -4.01 -14.71 5.56
CA LYS B 99 -4.47 -16.09 5.60
C LYS B 99 -4.21 -16.72 6.97
N CYS B 100 -5.16 -17.54 7.42
CA CYS B 100 -4.97 -18.34 8.62
C CYS B 100 -4.18 -19.61 8.25
N LEU B 101 -2.94 -19.72 8.72
CA LEU B 101 -2.15 -20.90 8.40
C LEU B 101 -2.57 -22.11 9.21
N LYS B 102 -3.12 -21.91 10.40
CA LYS B 102 -3.39 -23.03 11.30
C LYS B 102 -4.23 -22.55 12.46
N THR B 103 -5.20 -23.35 12.86
CA THR B 103 -5.94 -23.11 14.10
C THR B 103 -5.42 -24.06 15.18
N LEU B 104 -4.93 -23.48 16.30
CA LEU B 104 -4.38 -24.22 17.43
C LEU B 104 -5.52 -24.54 18.39
N LYS B 105 -5.93 -25.81 18.43
CA LYS B 105 -7.01 -26.27 19.28
C LYS B 105 -6.45 -27.07 20.46
N GLY B 106 -7.13 -26.96 21.60
CA GLY B 106 -6.72 -27.72 22.77
C GLY B 106 -7.28 -27.18 24.07
N HIS B 107 -7.15 -25.87 24.27
CA HIS B 107 -7.70 -25.25 25.46
C HIS B 107 -9.20 -25.52 25.57
N SER B 108 -9.66 -25.58 26.82
CA SER B 108 -11.03 -25.90 27.18
C SER B 108 -11.86 -24.66 27.51
N ASN B 109 -11.33 -23.48 27.22
CA ASN B 109 -11.98 -22.21 27.53
C ASN B 109 -11.20 -21.11 26.82
N TYR B 110 -11.59 -19.86 27.07
CA TYR B 110 -11.00 -18.71 26.39
C TYR B 110 -9.48 -18.79 26.39
N VAL B 111 -8.87 -18.51 25.24
CA VAL B 111 -7.43 -18.30 25.21
C VAL B 111 -7.20 -16.82 25.41
N PHE B 112 -6.49 -16.46 26.48
CA PHE B 112 -6.38 -15.08 26.91
C PHE B 112 -5.09 -14.40 26.50
N CYS B 113 -4.00 -15.14 26.32
CA CYS B 113 -2.71 -14.50 26.13
C CYS B 113 -1.81 -15.41 25.31
N CYS B 114 -0.89 -14.79 24.58
CA CYS B 114 -0.04 -15.55 23.67
C CYS B 114 1.21 -14.75 23.36
N ASN B 115 2.26 -15.45 22.91
CA ASN B 115 3.55 -14.85 22.62
C ASN B 115 4.43 -15.85 21.90
N PHE B 116 5.21 -15.35 20.94
CA PHE B 116 6.27 -16.14 20.33
C PHE B 116 7.49 -16.14 21.23
N ASN B 117 8.33 -17.15 21.07
CA ASN B 117 9.65 -17.08 21.67
C ASN B 117 10.59 -16.33 20.74
N PRO B 118 11.75 -15.87 21.22
CA PRO B 118 12.64 -15.08 20.32
C PRO B 118 12.98 -15.79 19.04
N GLN B 119 13.23 -17.10 19.09
CA GLN B 119 13.49 -17.86 17.87
C GLN B 119 12.24 -17.94 17.00
N SER B 120 11.06 -17.83 17.60
CA SER B 120 9.77 -17.89 16.92
C SER B 120 9.48 -19.27 16.35
N ASN B 121 10.14 -20.32 16.86
CA ASN B 121 9.69 -21.67 16.58
C ASN B 121 8.67 -22.19 17.59
N LEU B 122 8.37 -21.41 18.63
CA LEU B 122 7.42 -21.83 19.65
C LEU B 122 6.47 -20.69 19.96
N ILE B 123 5.25 -21.06 20.35
CA ILE B 123 4.23 -20.13 20.83
C ILE B 123 3.77 -20.63 22.20
N VAL B 124 3.68 -19.72 23.17
CA VAL B 124 3.16 -20.04 24.49
C VAL B 124 1.79 -19.41 24.61
N SER B 125 0.86 -20.10 25.26
CA SER B 125 -0.50 -19.61 25.42
C SER B 125 -0.96 -19.87 26.85
N GLY B 126 -1.69 -18.91 27.41
CA GLY B 126 -2.38 -19.09 28.67
C GLY B 126 -3.87 -18.96 28.47
N SER B 127 -4.64 -19.60 29.35
CA SER B 127 -6.05 -19.76 29.10
C SER B 127 -6.87 -19.62 30.38
N PHE B 128 -8.16 -19.32 30.20
CA PHE B 128 -9.12 -19.34 31.29
C PHE B 128 -9.23 -20.72 31.92
N ASP B 129 -8.80 -21.77 31.22
CA ASP B 129 -8.86 -23.12 31.72
C ASP B 129 -7.74 -23.43 32.71
N GLU B 130 -6.90 -22.46 33.04
CA GLU B 130 -5.93 -22.50 34.15
C GLU B 130 -4.66 -23.21 33.72
N SER B 131 -4.54 -23.50 32.43
CA SER B 131 -3.37 -24.16 31.89
C SER B 131 -2.55 -23.24 30.99
N VAL B 132 -1.31 -23.63 30.75
CA VAL B 132 -0.44 -23.01 29.76
C VAL B 132 -0.05 -24.08 28.74
N ARG B 133 -0.02 -23.70 27.46
CA ARG B 133 0.36 -24.61 26.39
C ARG B 133 1.53 -24.06 25.58
N ILE B 134 2.39 -24.96 25.11
CA ILE B 134 3.51 -24.61 24.24
C ILE B 134 3.31 -25.33 22.91
N TRP B 135 3.33 -24.55 21.83
CA TRP B 135 2.97 -25.03 20.51
C TRP B 135 4.13 -24.86 19.55
N ASP B 136 4.27 -25.83 18.66
CA ASP B 136 5.32 -25.83 17.66
C ASP B 136 4.88 -24.97 16.47
N VAL B 137 5.59 -23.87 16.24
CA VAL B 137 5.21 -22.96 15.16
C VAL B 137 5.24 -23.69 13.82
N LYS B 138 6.24 -24.55 13.60
CA LYS B 138 6.43 -25.12 12.27
C LYS B 138 5.33 -26.09 11.88
N THR B 139 4.72 -26.76 12.86
CA THR B 139 3.70 -27.77 12.60
C THR B 139 2.31 -27.42 13.10
N GLY B 140 2.18 -26.53 14.08
CA GLY B 140 0.88 -26.29 14.68
C GLY B 140 0.49 -27.27 15.78
N LYS B 141 1.32 -28.26 16.08
CA LYS B 141 0.95 -29.21 17.12
C LYS B 141 1.31 -28.67 18.50
N CYS B 142 0.46 -29.01 19.46
CA CYS B 142 0.76 -28.70 20.85
C CYS B 142 1.88 -29.62 21.34
N LEU B 143 2.96 -29.03 21.85
CA LEU B 143 4.08 -29.83 22.38
C LEU B 143 3.95 -30.12 23.87
N LYS B 144 3.37 -29.21 24.65
CA LYS B 144 3.32 -29.39 26.08
C LYS B 144 2.09 -28.70 26.62
N THR B 145 1.44 -29.34 27.59
CA THR B 145 0.34 -28.74 28.32
C THR B 145 0.72 -28.72 29.79
N LEU B 146 0.83 -27.53 30.35
CA LEU B 146 1.25 -27.36 31.73
C LEU B 146 0.05 -27.03 32.60
N PRO B 147 -0.25 -27.80 33.66
CA PRO B 147 -1.27 -27.36 34.61
C PRO B 147 -0.76 -26.18 35.43
N ALA B 148 -0.72 -25.00 34.80
CA ALA B 148 0.09 -23.92 35.34
C ALA B 148 -0.45 -23.35 36.64
N HIS B 149 -1.76 -23.25 36.75
CA HIS B 149 -2.34 -22.49 37.89
C HIS B 149 -3.70 -23.00 38.39
N SER B 150 -4.24 -22.33 39.42
CA SER B 150 -5.51 -22.71 40.09
C SER B 150 -6.57 -21.66 39.79
N ASP B 151 -6.34 -20.84 38.78
CA ASP B 151 -7.28 -19.77 38.36
C ASP B 151 -6.93 -19.43 36.91
N PRO B 152 -7.76 -18.65 36.20
CA PRO B 152 -7.46 -18.23 34.83
C PRO B 152 -6.07 -17.60 34.60
N VAL B 153 -5.43 -17.93 33.47
CA VAL B 153 -4.05 -17.45 33.18
C VAL B 153 -4.10 -16.09 32.47
N SER B 154 -3.45 -15.08 33.07
CA SER B 154 -3.60 -13.72 32.54
C SER B 154 -2.48 -13.26 31.62
N ALA B 155 -1.26 -13.81 31.74
CA ALA B 155 -0.22 -13.44 30.79
C ALA B 155 0.83 -14.55 30.74
N VAL B 156 1.54 -14.61 29.61
CA VAL B 156 2.62 -15.56 29.37
C VAL B 156 3.68 -14.88 28.53
N HIS B 157 4.95 -15.19 28.80
CA HIS B 157 6.02 -14.47 28.14
C HIS B 157 7.30 -15.30 28.18
N PHE B 158 8.07 -15.24 27.08
CA PHE B 158 9.38 -15.87 27.02
C PHE B 158 10.44 -14.87 27.41
N ASN B 159 11.54 -15.38 27.96
CA ASN B 159 12.69 -14.52 28.25
C ASN B 159 13.56 -14.39 27.00
N ARG B 160 14.61 -13.57 27.12
CA ARG B 160 15.44 -13.17 25.99
C ARG B 160 16.03 -14.35 25.22
N ASP B 161 16.42 -15.43 25.90
CA ASP B 161 16.92 -16.57 25.16
C ASP B 161 15.90 -17.69 25.03
N GLY B 162 14.66 -17.48 25.46
CA GLY B 162 13.63 -18.49 25.33
C GLY B 162 13.80 -19.71 26.21
N SER B 163 14.81 -19.73 27.08
CA SER B 163 14.98 -20.87 27.97
C SER B 163 13.92 -20.89 29.07
N LEU B 164 13.30 -19.73 29.36
CA LEU B 164 12.33 -19.58 30.43
C LEU B 164 11.03 -18.98 29.91
N ILE B 165 9.93 -19.36 30.57
CA ILE B 165 8.62 -18.75 30.42
C ILE B 165 8.18 -18.26 31.79
N VAL B 166 7.47 -17.13 31.82
CA VAL B 166 6.81 -16.69 33.04
C VAL B 166 5.31 -16.65 32.77
N SER B 167 4.53 -17.09 33.75
CA SER B 167 3.08 -17.01 33.66
C SER B 167 2.53 -16.33 34.90
N SER B 168 1.34 -15.75 34.74
CA SER B 168 0.65 -15.09 35.85
C SER B 168 -0.81 -15.49 35.85
N SER B 169 -1.44 -15.44 37.02
CA SER B 169 -2.79 -15.97 37.19
C SER B 169 -3.57 -15.16 38.21
N TYR B 170 -4.90 -15.24 38.10
CA TYR B 170 -5.76 -14.71 39.14
C TYR B 170 -5.54 -15.41 40.47
N ASP B 171 -4.88 -16.58 40.50
CA ASP B 171 -4.60 -17.16 41.80
C ASP B 171 -3.61 -16.32 42.61
N GLY B 172 -2.97 -15.32 42.01
CA GLY B 172 -2.04 -14.46 42.71
C GLY B 172 -0.58 -14.86 42.58
N LEU B 173 -0.29 -15.83 41.73
CA LEU B 173 1.05 -16.39 41.58
C LEU B 173 1.67 -15.90 40.29
N CYS B 174 2.97 -15.71 40.33
CA CYS B 174 3.78 -15.67 39.14
C CYS B 174 4.63 -16.92 39.16
N ARG B 175 4.65 -17.66 38.06
CA ARG B 175 5.44 -18.88 38.01
C ARG B 175 6.46 -18.81 36.89
N ILE B 176 7.65 -19.35 37.16
CA ILE B 176 8.73 -19.46 36.16
C ILE B 176 8.86 -20.92 35.73
N TRP B 177 8.86 -21.14 34.43
CA TRP B 177 8.89 -22.48 33.86
C TRP B 177 10.10 -22.65 32.95
N ASP B 178 10.79 -23.77 33.09
CA ASP B 178 11.81 -24.15 32.14
C ASP B 178 11.16 -24.64 30.84
N THR B 179 11.47 -23.96 29.72
CA THR B 179 10.80 -24.25 28.45
C THR B 179 11.00 -25.70 28.00
N ALA B 180 12.22 -26.22 28.16
CA ALA B 180 12.55 -27.50 27.56
C ALA B 180 11.86 -28.64 28.29
N SER B 181 11.78 -28.56 29.60
CA SER B 181 11.21 -29.63 30.41
C SER B 181 9.81 -29.32 30.91
N GLY B 182 9.40 -28.05 30.91
CA GLY B 182 8.11 -27.69 31.43
C GLY B 182 8.00 -27.77 32.93
N GLN B 183 9.11 -27.99 33.61
CA GLN B 183 9.06 -28.05 35.06
C GLN B 183 9.00 -26.65 35.65
N CYS B 184 8.24 -26.53 36.75
CA CYS B 184 8.16 -25.29 37.49
C CYS B 184 9.46 -25.02 38.25
N LEU B 185 10.07 -23.86 38.04
CA LEU B 185 11.32 -23.53 38.69
C LEU B 185 11.18 -22.55 39.83
N LYS B 186 10.03 -21.90 39.96
CA LYS B 186 9.87 -20.82 40.91
C LYS B 186 8.42 -20.42 41.00
N THR B 187 7.92 -20.29 42.23
CA THR B 187 6.56 -19.78 42.44
C THR B 187 6.73 -18.50 43.28
N LEU B 188 6.25 -17.37 42.76
CA LEU B 188 6.41 -16.07 43.46
C LEU B 188 5.03 -15.53 43.84
N ILE B 189 4.91 -15.06 45.08
CA ILE B 189 3.61 -14.54 45.59
C ILE B 189 3.88 -13.26 46.38
N ASP B 190 3.11 -12.22 46.09
CA ASP B 190 3.23 -10.92 46.82
C ASP B 190 2.51 -11.06 48.16
N ASP B 191 2.64 -10.05 49.02
CA ASP B 191 1.94 -10.06 50.33
C ASP B 191 0.45 -10.08 50.03
N ASP B 192 -0.30 -10.97 50.69
CA ASP B 192 -1.70 -11.22 50.32
C ASP B 192 -1.54 -11.90 48.96
N ASN B 193 -2.54 -12.52 48.42
CA ASN B 193 -2.21 -13.15 47.11
C ASN B 193 -3.04 -12.43 46.06
N PRO B 194 -2.81 -11.11 45.88
CA PRO B 194 -3.64 -10.32 45.00
C PRO B 194 -3.55 -10.82 43.55
N PRO B 195 -4.70 -10.94 42.85
CA PRO B 195 -4.71 -11.35 41.45
C PRO B 195 -3.67 -10.67 40.54
N VAL B 196 -2.86 -11.48 39.84
CA VAL B 196 -1.84 -10.95 38.95
C VAL B 196 -2.46 -10.85 37.56
N SER B 197 -2.67 -9.63 37.12
CA SER B 197 -3.35 -9.35 35.87
C SER B 197 -2.41 -9.25 34.66
N PHE B 198 -1.11 -9.03 34.86
CA PHE B 198 -0.21 -9.05 33.72
C PHE B 198 1.22 -9.30 34.21
N VAL B 199 2.05 -9.89 33.34
CA VAL B 199 3.44 -10.14 33.68
C VAL B 199 4.26 -10.29 32.41
N LYS B 200 5.55 -9.94 32.49
CA LYS B 200 6.53 -10.15 31.42
C LYS B 200 7.93 -9.98 32.00
N PHE B 201 8.91 -10.59 31.34
CA PHE B 201 10.32 -10.41 31.69
C PHE B 201 10.82 -9.03 31.28
N SER B 202 11.77 -8.53 32.06
CA SER B 202 12.70 -7.48 31.67
C SER B 202 13.36 -7.80 30.33
N PRO B 203 13.69 -6.78 29.53
CA PRO B 203 14.49 -7.07 28.32
C PRO B 203 15.79 -7.79 28.64
N ASN B 204 16.45 -7.48 29.78
CA ASN B 204 17.66 -8.21 30.15
C ASN B 204 17.37 -9.58 30.72
N GLY B 205 16.11 -9.88 31.03
CA GLY B 205 15.70 -11.20 31.48
C GLY B 205 15.99 -11.50 32.94
N LYS B 206 16.63 -10.59 33.67
CA LYS B 206 16.90 -10.80 35.09
C LYS B 206 15.72 -10.43 35.99
N TYR B 207 14.75 -9.67 35.47
CA TYR B 207 13.63 -9.21 36.29
C TYR B 207 12.31 -9.65 35.67
N ILE B 208 11.25 -9.51 36.48
CA ILE B 208 9.88 -9.77 36.05
C ILE B 208 9.06 -8.56 36.47
N LEU B 209 8.14 -8.13 35.62
CA LEU B 209 7.30 -6.95 35.86
C LEU B 209 5.86 -7.40 35.98
N ALA B 210 5.27 -7.20 37.15
CA ALA B 210 3.98 -7.80 37.45
C ALA B 210 2.95 -6.75 37.82
N ALA B 211 1.77 -6.84 37.20
CA ALA B 211 0.62 -6.02 37.54
C ALA B 211 -0.30 -6.82 38.46
N THR B 212 -0.81 -6.16 39.50
CA THR B 212 -1.75 -6.77 40.41
C THR B 212 -2.93 -5.84 40.61
N LEU B 213 -4.12 -6.42 40.70
CA LEU B 213 -5.36 -5.64 40.73
C LEU B 213 -5.55 -4.86 42.03
N ASP B 214 -4.47 -4.28 42.55
CA ASP B 214 -4.50 -3.36 43.69
C ASP B 214 -3.76 -2.08 43.34
N ASN B 215 -3.85 -1.65 42.07
CA ASN B 215 -3.30 -0.37 41.61
C ASN B 215 -1.79 -0.32 41.77
N THR B 216 -1.12 -1.43 41.49
CA THR B 216 0.30 -1.57 41.70
C THR B 216 0.95 -2.33 40.54
N LEU B 217 2.10 -1.83 40.12
CA LEU B 217 3.05 -2.57 39.30
C LEU B 217 4.34 -2.72 40.11
N LYS B 218 4.97 -3.87 39.98
CA LYS B 218 6.16 -4.18 40.75
C LYS B 218 7.18 -4.84 39.84
N LEU B 219 8.45 -4.52 40.08
CA LEU B 219 9.59 -5.14 39.41
C LEU B 219 10.24 -6.11 40.41
N TRP B 220 10.23 -7.40 40.07
CA TRP B 220 10.73 -8.45 40.95
C TRP B 220 12.01 -9.08 40.43
N ASP B 221 12.99 -9.23 41.31
CA ASP B 221 14.05 -10.22 41.10
C ASP B 221 13.47 -11.57 41.45
N TYR B 222 13.03 -12.33 40.44
CA TYR B 222 12.30 -13.57 40.68
C TYR B 222 13.19 -14.68 41.20
N SER B 223 14.50 -14.61 40.89
CA SER B 223 15.43 -15.56 41.48
C SER B 223 15.57 -15.34 42.98
N LYS B 224 15.83 -14.10 43.40
CA LYS B 224 15.94 -13.85 44.83
C LYS B 224 14.58 -13.66 45.50
N GLY B 225 13.50 -13.61 44.72
CA GLY B 225 12.19 -13.37 45.32
C GLY B 225 12.02 -11.99 45.90
N LYS B 226 12.85 -11.04 45.50
CA LYS B 226 12.93 -9.73 46.14
C LYS B 226 12.29 -8.67 45.24
N CYS B 227 11.54 -7.74 45.85
CA CYS B 227 10.89 -6.67 45.09
C CYS B 227 11.80 -5.46 44.97
N LEU B 228 12.02 -4.99 43.75
CA LEU B 228 13.03 -3.98 43.49
C LEU B 228 12.47 -2.59 43.29
N LYS B 229 11.28 -2.48 42.70
CA LYS B 229 10.68 -1.21 42.35
C LYS B 229 9.17 -1.36 42.44
N THR B 230 8.49 -0.32 42.92
CA THR B 230 7.03 -0.31 43.00
C THR B 230 6.52 0.93 42.29
N TYR B 231 5.56 0.75 41.39
CA TYR B 231 4.99 1.86 40.62
C TYR B 231 3.50 1.98 40.92
N THR B 232 3.08 3.17 41.38
CA THR B 232 1.68 3.42 41.76
C THR B 232 1.23 4.77 41.23
N GLY B 233 -0.06 5.07 41.47
CA GLY B 233 -0.68 6.33 41.09
C GLY B 233 -1.85 6.13 40.13
N HIS B 234 -1.85 5.03 39.41
CA HIS B 234 -2.85 4.76 38.40
C HIS B 234 -3.96 3.92 39.01
N LYS B 235 -4.98 3.62 38.21
CA LYS B 235 -6.11 2.82 38.66
C LYS B 235 -6.11 1.49 37.92
N ASN B 236 -6.04 0.39 38.67
CA ASN B 236 -6.02 -0.92 38.05
C ASN B 236 -6.57 -1.94 39.04
N GLU B 237 -7.87 -2.22 38.90
CA GLU B 237 -8.60 -3.05 39.85
C GLU B 237 -9.55 -4.00 39.17
N LYS B 238 -9.85 -3.82 37.88
CA LYS B 238 -10.88 -4.60 37.20
C LYS B 238 -10.43 -5.28 35.92
N TYR B 239 -9.37 -4.82 35.27
CA TYR B 239 -9.03 -5.32 33.95
C TYR B 239 -7.56 -5.68 33.89
N CYS B 240 -7.23 -6.64 33.02
CA CYS B 240 -5.85 -7.04 32.79
C CYS B 240 -5.22 -6.08 31.80
N ILE B 241 -4.41 -5.15 32.32
CA ILE B 241 -3.82 -4.08 31.53
C ILE B 241 -2.35 -4.37 31.29
N PHE B 242 -1.94 -4.37 30.03
CA PHE B 242 -0.53 -4.58 29.66
C PHE B 242 0.37 -3.50 30.29
N ALA B 243 1.66 -3.80 30.31
CA ALA B 243 2.64 -2.83 30.77
C ALA B 243 3.93 -3.07 30.01
N ASN B 244 4.73 -2.00 29.85
CA ASN B 244 5.87 -2.08 28.96
C ASN B 244 7.09 -1.46 29.60
N PHE B 245 8.25 -1.98 29.19
CA PHE B 245 9.53 -1.28 29.34
C PHE B 245 9.71 -0.42 28.09
N SER B 246 9.83 0.89 28.28
CA SER B 246 10.25 1.76 27.18
C SER B 246 11.77 1.92 27.24
N VAL B 247 12.44 1.59 26.13
CA VAL B 247 13.90 1.58 26.13
C VAL B 247 14.52 2.33 24.95
N THR B 248 13.71 3.06 24.17
CA THR B 248 14.31 3.73 23.00
C THR B 248 14.91 5.08 23.36
N GLY B 249 14.24 5.82 24.24
CA GLY B 249 14.78 7.04 24.79
C GLY B 249 15.22 6.85 26.24
N GLY B 250 14.53 7.51 27.17
CA GLY B 250 14.79 7.28 28.58
C GLY B 250 14.08 6.06 29.09
N LYS B 251 14.59 5.49 30.16
CA LYS B 251 14.14 4.17 30.62
C LYS B 251 12.85 4.32 31.42
N TRP B 252 11.71 3.98 30.81
CA TRP B 252 10.41 4.20 31.43
C TRP B 252 9.66 2.90 31.63
N ILE B 253 8.65 2.97 32.50
CA ILE B 253 7.58 1.97 32.59
C ILE B 253 6.32 2.64 32.07
N VAL B 254 5.57 1.92 31.24
CA VAL B 254 4.38 2.44 30.58
C VAL B 254 3.22 1.49 30.86
N SER B 255 2.07 2.05 31.19
CA SER B 255 0.87 1.25 31.40
C SER B 255 -0.37 2.10 31.20
N GLY B 256 -1.45 1.43 30.80
CA GLY B 256 -2.77 2.03 30.86
C GLY B 256 -3.36 1.99 32.26
N SER B 257 -4.56 2.54 32.38
CA SER B 257 -5.13 2.79 33.70
C SER B 257 -6.64 2.89 33.55
N GLU B 258 -7.36 2.42 34.54
CA GLU B 258 -8.82 2.49 34.46
C GLU B 258 -9.36 3.91 34.64
N ASP B 259 -8.54 4.96 34.71
CA ASP B 259 -9.05 6.33 34.70
C ASP B 259 -8.85 7.00 33.35
N ASN B 260 -8.60 6.21 32.30
CA ASN B 260 -8.51 6.63 30.89
C ASN B 260 -7.19 7.31 30.55
N LEU B 261 -6.15 7.13 31.37
CA LEU B 261 -4.85 7.75 31.11
C LEU B 261 -3.79 6.69 30.81
N VAL B 262 -2.76 7.11 30.06
CA VAL B 262 -1.53 6.34 29.98
C VAL B 262 -0.59 6.90 31.04
N TYR B 263 -0.05 6.02 31.88
CA TYR B 263 0.90 6.43 32.91
C TYR B 263 2.32 6.08 32.47
N ILE B 264 3.24 7.03 32.65
CA ILE B 264 4.66 6.81 32.36
C ILE B 264 5.45 7.09 33.62
N TRP B 265 6.20 6.09 34.07
CA TRP B 265 7.04 6.20 35.26
C TRP B 265 8.51 6.18 34.87
N ASN B 266 9.33 6.81 35.71
CA ASN B 266 10.77 6.62 35.69
C ASN B 266 11.11 5.26 36.31
N LEU B 267 11.69 4.35 35.51
CA LEU B 267 11.96 3.01 36.02
C LEU B 267 12.78 3.04 37.29
N GLN B 268 13.79 3.93 37.36
CA GLN B 268 14.67 3.97 38.53
C GLN B 268 13.99 4.60 39.74
N THR B 269 13.39 5.77 39.56
CA THR B 269 12.93 6.52 40.72
C THR B 269 11.48 6.21 41.11
N LYS B 270 10.74 5.50 40.26
CA LYS B 270 9.37 5.08 40.50
C LYS B 270 8.41 6.26 40.47
N GLU B 271 8.87 7.43 40.07
CA GLU B 271 7.98 8.58 40.08
C GLU B 271 7.34 8.75 38.71
N ILE B 272 6.12 9.28 38.71
CA ILE B 272 5.36 9.47 37.48
C ILE B 272 5.92 10.66 36.72
N VAL B 273 6.30 10.45 35.47
CA VAL B 273 6.93 11.51 34.70
C VAL B 273 6.02 12.05 33.59
N GLN B 274 4.95 11.34 33.24
CA GLN B 274 3.99 11.85 32.28
C GLN B 274 2.70 11.03 32.38
N LYS B 275 1.57 11.71 32.17
CA LYS B 275 0.25 11.07 32.08
C LYS B 275 -0.38 11.52 30.77
N LEU B 276 -0.83 10.59 29.95
CA LEU B 276 -1.46 10.89 28.68
C LEU B 276 -2.99 10.94 28.63
N GLN B 277 -3.50 12.13 28.41
CA GLN B 277 -4.91 12.40 28.33
C GLN B 277 -5.44 12.38 26.90
N GLY B 278 -6.57 11.78 26.67
CA GLY B 278 -7.12 11.65 25.36
C GLY B 278 -8.21 10.62 25.17
N HIS B 279 -7.95 9.43 25.66
CA HIS B 279 -8.91 8.35 25.68
C HIS B 279 -10.10 8.59 26.58
N THR B 280 -11.26 8.09 26.19
CA THR B 280 -12.47 8.25 26.99
C THR B 280 -12.97 6.95 27.59
N ASP B 281 -12.12 5.94 27.68
CA ASP B 281 -12.45 4.74 28.43
C ASP B 281 -11.15 4.11 28.84
N VAL B 282 -11.24 3.00 29.60
CA VAL B 282 -10.07 2.32 30.16
C VAL B 282 -9.03 2.12 29.08
N VAL B 283 -7.78 2.39 29.42
CA VAL B 283 -6.69 2.12 28.49
C VAL B 283 -6.17 0.73 28.79
N ILE B 284 -6.64 -0.23 28.00
CA ILE B 284 -6.35 -1.64 28.29
C ILE B 284 -4.97 -2.06 27.81
N SER B 285 -4.41 -1.37 26.81
CA SER B 285 -3.21 -1.84 26.12
C SER B 285 -2.34 -0.69 25.63
N THR B 286 -1.04 -0.83 25.85
CA THR B 286 -0.04 0.08 25.30
C THR B 286 1.07 -0.75 24.70
N ALA B 287 1.77 -0.17 23.71
CA ALA B 287 2.97 -0.77 23.14
C ALA B 287 3.99 0.31 22.82
N CYS B 288 5.27 -0.07 22.91
CA CYS B 288 6.39 0.84 22.63
C CYS B 288 7.07 0.46 21.31
N HIS B 289 7.31 1.45 20.47
CA HIS B 289 7.91 1.18 19.17
C HIS B 289 9.35 0.69 19.34
N PRO B 290 9.77 -0.32 18.56
CA PRO B 290 11.11 -0.90 18.77
C PRO B 290 12.27 0.07 18.62
N THR B 291 12.17 1.09 17.74
CA THR B 291 13.30 1.98 17.54
C THR B 291 13.01 3.45 17.76
N GLU B 292 11.77 3.89 17.63
CA GLU B 292 11.42 5.29 17.84
C GLU B 292 10.77 5.48 19.20
N ASN B 293 10.85 6.73 19.72
CA ASN B 293 10.14 7.11 20.94
C ASN B 293 8.66 7.35 20.62
N ILE B 294 7.96 6.26 20.32
CA ILE B 294 6.55 6.30 19.95
C ILE B 294 5.79 5.27 20.77
N ILE B 295 4.60 5.62 21.22
CA ILE B 295 3.73 4.76 22.00
C ILE B 295 2.38 4.65 21.30
N ALA B 296 1.83 3.44 21.26
CA ALA B 296 0.45 3.21 20.84
C ALA B 296 -0.38 2.82 22.06
N SER B 297 -1.60 3.35 22.16
CA SER B 297 -2.53 2.99 23.22
C SER B 297 -3.89 2.61 22.63
N ALA B 298 -4.62 1.77 23.37
CA ALA B 298 -5.94 1.29 22.93
C ALA B 298 -6.89 1.29 24.11
N ALA B 299 -8.20 1.38 23.83
CA ALA B 299 -9.18 1.57 24.88
C ALA B 299 -10.43 0.74 24.65
N LEU B 300 -11.28 0.67 25.69
CA LEU B 300 -12.42 -0.23 25.78
C LEU B 300 -13.65 0.39 25.11
N GLU B 301 -14.84 -0.13 25.44
CA GLU B 301 -16.03 0.01 24.60
C GLU B 301 -16.40 1.46 24.32
N ASN B 302 -16.32 2.35 25.32
CA ASN B 302 -16.79 3.71 25.08
C ASN B 302 -15.82 4.56 24.30
N ASP B 303 -14.64 4.03 24.00
CA ASP B 303 -13.63 4.71 23.20
C ASP B 303 -13.42 3.99 21.87
N LYS B 304 -12.92 2.74 21.92
CA LYS B 304 -12.73 1.85 20.77
C LYS B 304 -11.67 2.34 19.79
N THR B 305 -10.78 3.24 20.21
CA THR B 305 -9.78 3.78 19.30
C THR B 305 -8.37 3.44 19.78
N ILE B 306 -7.44 3.62 18.84
CA ILE B 306 -6.01 3.49 19.08
C ILE B 306 -5.39 4.86 18.91
N LYS B 307 -4.46 5.22 19.81
CA LYS B 307 -3.78 6.51 19.73
C LYS B 307 -2.27 6.33 19.65
N LEU B 308 -1.62 7.21 18.89
CA LEU B 308 -0.16 7.18 18.70
C LEU B 308 0.42 8.44 19.30
N TRP B 309 1.50 8.27 20.06
CA TRP B 309 2.14 9.38 20.75
C TRP B 309 3.63 9.35 20.44
N LYS B 310 4.21 10.52 20.16
CA LYS B 310 5.64 10.66 19.89
C LYS B 310 6.27 11.58 20.94
N SER B 311 7.48 11.24 21.36
CA SER B 311 8.23 12.05 22.30
C SER B 311 9.59 12.36 21.71
N ASP B 312 10.22 13.42 22.24
CA ASP B 312 11.58 13.75 21.85
C ASP B 312 12.63 12.88 22.52
N CYS B 313 12.25 12.14 23.55
CA CYS B 313 13.20 11.38 24.33
C CYS B 313 12.46 10.32 25.15
N PRO C 9 5.70 16.96 -3.16
CA PRO C 9 6.72 16.57 -4.15
C PRO C 9 6.27 16.50 -5.64
N VAL C 10 6.38 17.65 -6.32
CA VAL C 10 5.99 17.81 -7.73
C VAL C 10 7.15 17.51 -8.68
N LYS C 11 8.29 18.18 -8.48
CA LYS C 11 9.44 18.05 -9.36
C LYS C 11 10.73 18.12 -8.54
N PRO C 12 11.71 17.27 -8.83
CA PRO C 12 13.00 17.35 -8.14
C PRO C 12 13.92 18.34 -8.84
N ASN C 13 15.05 18.63 -8.19
CA ASN C 13 15.96 19.68 -8.63
C ASN C 13 17.41 19.19 -8.57
N TYR C 14 17.64 18.01 -9.13
CA TYR C 14 18.99 17.46 -9.18
C TYR C 14 19.93 18.44 -9.88
N ALA C 15 21.13 18.57 -9.34
CA ALA C 15 22.12 19.52 -9.83
C ALA C 15 23.49 18.87 -9.77
N LEU C 16 24.30 19.11 -10.79
CA LEU C 16 25.61 18.49 -10.90
C LEU C 16 26.51 18.92 -9.73
N LYS C 17 26.94 17.96 -8.91
CA LYS C 17 27.88 18.29 -7.85
C LYS C 17 29.30 17.86 -8.15
N PHE C 18 29.54 16.77 -8.88
CA PHE C 18 30.90 16.28 -9.11
C PHE C 18 30.98 15.56 -10.44
N THR C 19 32.14 15.66 -11.09
CA THR C 19 32.48 14.88 -12.27
C THR C 19 33.70 14.03 -11.96
N LEU C 20 33.54 12.71 -12.02
CA LEU C 20 34.55 11.75 -11.59
C LEU C 20 35.24 11.17 -12.83
N ALA C 21 36.49 11.56 -13.04
CA ALA C 21 37.29 11.11 -14.17
C ALA C 21 38.33 10.09 -13.74
N GLY C 22 38.80 9.29 -14.70
CA GLY C 22 39.85 8.32 -14.40
C GLY C 22 39.87 7.13 -15.34
N HIS C 23 38.71 6.63 -15.70
CA HIS C 23 38.59 5.55 -16.65
C HIS C 23 39.05 5.97 -18.03
N THR C 24 39.69 5.05 -18.71
CA THR C 24 40.36 5.32 -19.97
C THR C 24 39.57 4.89 -21.18
N LYS C 25 38.54 4.10 -20.95
CA LYS C 25 37.51 3.73 -21.90
C LYS C 25 36.12 3.94 -21.34
N ALA C 26 35.08 3.59 -22.09
CA ALA C 26 33.71 3.73 -21.60
C ALA C 26 33.53 3.12 -20.22
N VAL C 27 32.79 3.83 -19.36
CA VAL C 27 32.25 3.30 -18.11
C VAL C 27 31.03 2.45 -18.44
N SER C 28 30.87 1.29 -17.78
CA SER C 28 29.76 0.38 -18.07
C SER C 28 28.72 0.28 -16.96
N SER C 29 29.08 0.53 -15.69
CA SER C 29 28.11 0.48 -14.62
C SER C 29 28.60 1.30 -13.43
N VAL C 30 27.64 1.78 -12.63
CA VAL C 30 27.90 2.46 -11.37
C VAL C 30 26.90 1.96 -10.35
N LYS C 31 27.37 1.65 -9.13
CA LYS C 31 26.50 1.18 -8.06
C LYS C 31 26.93 1.79 -6.73
N PHE C 32 26.00 2.46 -6.04
CA PHE C 32 26.25 2.88 -4.67
C PHE C 32 26.35 1.67 -3.77
N SER C 33 27.21 1.74 -2.76
CA SER C 33 27.25 0.65 -1.81
C SER C 33 26.05 0.75 -0.88
N PRO C 34 25.51 -0.39 -0.43
CA PRO C 34 24.30 -0.37 0.42
C PRO C 34 24.46 0.44 1.69
N ASN C 35 25.67 0.69 2.16
CA ASN C 35 25.86 1.56 3.31
C ASN C 35 26.01 3.02 2.92
N GLY C 36 25.79 3.35 1.66
CA GLY C 36 25.82 4.73 1.22
C GLY C 36 27.19 5.41 1.24
N GLU C 37 28.26 4.70 1.57
CA GLU C 37 29.57 5.32 1.68
C GLU C 37 30.30 5.40 0.35
N TRP C 38 30.14 4.39 -0.50
CA TRP C 38 30.98 4.28 -1.67
C TRP C 38 30.14 4.13 -2.93
N LEU C 39 30.74 4.58 -4.04
CA LEU C 39 30.27 4.27 -5.36
C LEU C 39 31.32 3.41 -6.05
N ALA C 40 30.87 2.41 -6.81
CA ALA C 40 31.75 1.56 -7.58
C ALA C 40 31.44 1.74 -9.06
N SER C 41 32.49 1.83 -9.88
CA SER C 41 32.34 1.97 -11.31
C SER C 41 33.13 0.88 -12.03
N SER C 42 32.54 0.40 -13.13
CA SER C 42 33.11 -0.62 -14.00
C SER C 42 33.27 -0.04 -15.40
N SER C 43 34.28 -0.53 -16.13
CA SER C 43 34.66 0.10 -17.39
C SER C 43 35.25 -0.91 -18.36
N ALA C 44 35.09 -0.59 -19.65
CA ALA C 44 35.77 -1.32 -20.72
C ALA C 44 37.28 -1.27 -20.57
N ASP C 45 37.80 -0.39 -19.71
CA ASP C 45 39.24 -0.35 -19.49
C ASP C 45 39.72 -1.44 -18.53
N LYS C 46 38.87 -2.44 -18.27
CA LYS C 46 39.17 -3.62 -17.46
C LYS C 46 39.30 -3.32 -15.97
N LEU C 47 38.92 -2.12 -15.53
CA LEU C 47 39.19 -1.71 -14.16
C LEU C 47 37.91 -1.46 -13.38
N ILE C 48 37.94 -1.75 -12.08
CA ILE C 48 36.91 -1.31 -11.14
C ILE C 48 37.52 -0.20 -10.29
N LYS C 49 36.75 0.89 -10.12
CA LYS C 49 37.20 2.03 -9.35
C LYS C 49 36.19 2.32 -8.25
N ILE C 50 36.72 2.75 -7.09
CA ILE C 50 35.92 3.03 -5.91
C ILE C 50 35.98 4.52 -5.62
N TRP C 51 34.81 5.12 -5.42
CA TRP C 51 34.70 6.57 -5.25
C TRP C 51 33.86 6.86 -4.02
N GLY C 52 34.20 7.97 -3.35
CA GLY C 52 33.42 8.42 -2.21
C GLY C 52 32.03 8.85 -2.64
N ALA C 53 30.99 8.25 -2.06
CA ALA C 53 29.63 8.51 -2.50
C ALA C 53 29.26 9.99 -2.37
N TYR C 54 29.70 10.66 -1.29
CA TYR C 54 29.22 12.00 -0.99
C TYR C 54 30.10 13.10 -1.55
N ASP C 55 31.38 12.82 -1.79
CA ASP C 55 32.29 13.84 -2.26
C ASP C 55 32.92 13.49 -3.60
N GLY C 56 32.64 12.29 -4.13
CA GLY C 56 33.25 11.87 -5.38
C GLY C 56 34.74 11.68 -5.32
N LYS C 57 35.32 11.63 -4.12
CA LYS C 57 36.76 11.46 -3.98
C LYS C 57 37.19 10.07 -4.44
N PHE C 58 38.15 10.02 -5.37
CA PHE C 58 38.70 8.73 -5.79
C PHE C 58 39.32 8.02 -4.59
N GLU C 59 38.96 6.74 -4.43
CA GLU C 59 39.43 5.93 -3.31
C GLU C 59 40.51 4.93 -3.74
N LYS C 60 40.22 4.07 -4.71
CA LYS C 60 41.15 3.00 -5.04
C LYS C 60 40.79 2.41 -6.40
N THR C 61 41.77 1.73 -6.99
CA THR C 61 41.55 1.02 -8.27
C THR C 61 41.65 -0.48 -8.04
N ILE C 62 40.61 -1.23 -8.40
CA ILE C 62 40.66 -2.71 -8.30
C ILE C 62 40.97 -3.27 -9.69
N SER C 63 42.03 -4.06 -9.82
CA SER C 63 42.47 -4.62 -11.12
C SER C 63 42.52 -6.15 -11.05
N GLY C 64 42.57 -6.81 -12.21
CA GLY C 64 42.64 -8.27 -12.26
C GLY C 64 42.01 -8.87 -13.50
N HIS C 65 40.90 -8.31 -13.95
CA HIS C 65 40.18 -8.84 -15.13
C HIS C 65 41.01 -8.62 -16.39
N LYS C 66 41.07 -9.64 -17.24
CA LYS C 66 41.88 -9.58 -18.46
C LYS C 66 41.19 -8.86 -19.60
N LEU C 67 39.90 -8.56 -19.49
CA LEU C 67 39.21 -7.84 -20.56
C LEU C 67 38.15 -6.95 -19.94
N GLY C 68 37.49 -6.17 -20.78
CA GLY C 68 36.45 -5.25 -20.33
C GLY C 68 35.44 -5.83 -19.36
N ILE C 69 34.91 -4.97 -18.48
CA ILE C 69 33.92 -5.34 -17.48
C ILE C 69 32.60 -4.68 -17.86
N SER C 70 31.51 -5.44 -17.83
CA SER C 70 30.19 -4.90 -18.18
C SER C 70 29.43 -4.39 -16.98
N ASP C 71 29.69 -4.95 -15.80
CA ASP C 71 28.76 -4.83 -14.69
C ASP C 71 29.51 -5.18 -13.41
N VAL C 72 29.14 -4.51 -12.33
CA VAL C 72 29.72 -4.71 -11.01
C VAL C 72 28.59 -4.56 -10.00
N ALA C 73 28.70 -5.26 -8.87
CA ALA C 73 27.61 -5.25 -7.90
C ALA C 73 28.16 -5.49 -6.49
N TRP C 74 27.50 -4.87 -5.52
CA TRP C 74 27.90 -4.90 -4.13
C TRP C 74 27.22 -6.06 -3.40
N SER C 75 27.90 -6.58 -2.39
CA SER C 75 27.21 -7.43 -1.44
C SER C 75 26.40 -6.58 -0.46
N SER C 76 25.51 -7.25 0.27
CA SER C 76 24.62 -6.56 1.18
C SER C 76 25.38 -5.85 2.29
N ASP C 77 26.46 -6.46 2.79
CA ASP C 77 27.22 -5.83 3.86
C ASP C 77 28.20 -4.77 3.35
N SER C 78 28.24 -4.51 2.05
CA SER C 78 29.13 -3.56 1.39
C SER C 78 30.60 -3.97 1.43
N ASN C 79 30.93 -5.18 1.89
CA ASN C 79 32.32 -5.60 1.97
C ASN C 79 32.82 -6.38 0.74
N LEU C 80 31.93 -6.79 -0.17
CA LEU C 80 32.35 -7.54 -1.35
C LEU C 80 31.77 -6.93 -2.61
N LEU C 81 32.51 -7.07 -3.72
CA LEU C 81 32.02 -6.72 -5.04
C LEU C 81 32.06 -7.94 -5.95
N VAL C 82 31.14 -8.00 -6.91
CA VAL C 82 31.23 -8.95 -8.02
C VAL C 82 31.18 -8.21 -9.36
N SER C 83 32.02 -8.65 -10.29
CA SER C 83 32.22 -8.05 -11.60
C SER C 83 31.98 -9.11 -12.67
N ALA C 84 31.41 -8.69 -13.81
CA ALA C 84 31.19 -9.55 -14.96
C ALA C 84 31.96 -9.00 -16.15
N SER C 85 32.68 -9.88 -16.86
CA SER C 85 33.69 -9.43 -17.80
C SER C 85 33.61 -10.16 -19.15
N ASP C 86 34.24 -9.55 -20.14
CA ASP C 86 34.37 -10.16 -21.46
C ASP C 86 35.37 -11.31 -21.47
N ASP C 87 36.16 -11.49 -20.42
CA ASP C 87 37.01 -12.67 -20.38
C ASP C 87 36.27 -13.89 -19.88
N LYS C 88 34.94 -13.87 -19.94
CA LYS C 88 34.05 -15.00 -19.67
C LYS C 88 34.01 -15.37 -18.21
N THR C 89 34.58 -14.55 -17.33
CA THR C 89 34.60 -14.87 -15.92
C THR C 89 33.82 -13.83 -15.13
N LEU C 90 33.41 -14.21 -13.93
CA LEU C 90 33.04 -13.28 -12.87
C LEU C 90 34.11 -13.32 -11.79
N LYS C 91 34.39 -12.18 -11.15
CA LYS C 91 35.32 -12.14 -10.04
C LYS C 91 34.62 -11.59 -8.80
N ILE C 92 34.94 -12.20 -7.65
CA ILE C 92 34.51 -11.68 -6.35
C ILE C 92 35.70 -10.95 -5.75
N TRP C 93 35.45 -9.74 -5.24
CA TRP C 93 36.48 -8.86 -4.70
C TRP C 93 36.23 -8.52 -3.25
N ASP C 94 37.32 -8.48 -2.48
CA ASP C 94 37.35 -7.88 -1.16
C ASP C 94 37.65 -6.39 -1.32
N VAL C 95 36.68 -5.53 -1.00
CA VAL C 95 36.84 -4.10 -1.28
C VAL C 95 38.00 -3.50 -0.50
N SER C 96 38.12 -3.83 0.79
CA SER C 96 39.19 -3.25 1.61
C SER C 96 40.56 -3.62 1.08
N SER C 97 40.79 -4.91 0.80
CA SER C 97 42.09 -5.36 0.32
C SER C 97 42.26 -5.21 -1.20
N GLY C 98 41.15 -5.09 -1.94
CA GLY C 98 41.22 -5.04 -3.40
C GLY C 98 41.60 -6.35 -4.06
N LYS C 99 41.77 -7.41 -3.27
CA LYS C 99 42.27 -8.67 -3.81
C LYS C 99 41.10 -9.50 -4.35
N CYS C 100 41.39 -10.33 -5.34
CA CYS C 100 40.36 -11.18 -5.92
C CYS C 100 40.22 -12.44 -5.08
N LEU C 101 39.06 -12.65 -4.48
CA LEU C 101 38.86 -13.84 -3.67
C LEU C 101 38.45 -15.05 -4.48
N LYS C 102 37.65 -14.88 -5.53
CA LYS C 102 37.20 -16.03 -6.30
C LYS C 102 37.00 -15.62 -7.76
N THR C 103 37.39 -16.50 -8.68
CA THR C 103 37.17 -16.31 -10.10
C THR C 103 36.17 -17.35 -10.57
N LEU C 104 34.98 -16.90 -10.93
CA LEU C 104 33.86 -17.80 -11.27
C LEU C 104 33.92 -18.13 -12.76
N LYS C 105 34.20 -19.39 -13.07
CA LYS C 105 34.42 -19.84 -14.44
C LYS C 105 33.31 -20.78 -14.87
N GLY C 106 32.86 -20.63 -16.11
CA GLY C 106 31.83 -21.54 -16.59
C GLY C 106 31.10 -21.06 -17.83
N HIS C 107 30.87 -19.75 -17.93
CA HIS C 107 30.28 -19.18 -19.13
C HIS C 107 31.24 -19.35 -20.30
N SER C 108 30.67 -19.47 -21.49
CA SER C 108 31.41 -19.73 -22.72
C SER C 108 31.53 -18.49 -23.61
N ASN C 109 31.19 -17.32 -23.09
CA ASN C 109 31.27 -16.05 -23.82
C ASN C 109 31.14 -14.92 -22.81
N TYR C 110 30.98 -13.69 -23.29
CA TYR C 110 30.95 -12.53 -22.42
C TYR C 110 29.92 -12.70 -21.32
N VAL C 111 30.30 -12.35 -20.07
CA VAL C 111 29.35 -12.18 -18.99
C VAL C 111 28.91 -10.72 -18.98
N PHE C 112 27.60 -10.49 -18.99
CA PHE C 112 27.04 -9.15 -19.14
C PHE C 112 26.47 -8.55 -17.86
N CYS C 113 25.92 -9.36 -16.97
CA CYS C 113 25.18 -8.85 -15.83
C CYS C 113 25.41 -9.74 -14.62
N CYS C 114 25.25 -9.15 -13.44
CA CYS C 114 25.55 -9.88 -12.23
C CYS C 114 24.85 -9.21 -11.07
N ASN C 115 24.66 -9.96 -9.99
CA ASN C 115 23.97 -9.43 -8.82
C ASN C 115 24.08 -10.43 -7.68
N PHE C 116 24.26 -9.92 -6.45
CA PHE C 116 24.13 -10.72 -5.24
C PHE C 116 22.66 -10.89 -4.90
N ASN C 117 22.33 -11.99 -4.23
CA ASN C 117 21.02 -12.00 -3.61
C ASN C 117 21.12 -11.29 -2.26
N PRO C 118 19.98 -10.91 -1.66
CA PRO C 118 20.06 -10.14 -0.40
C PRO C 118 20.88 -10.81 0.69
N GLN C 119 20.78 -12.14 0.83
CA GLN C 119 21.64 -12.84 1.78
C GLN C 119 23.11 -12.74 1.40
N SER C 120 23.40 -12.61 0.10
CA SER C 120 24.75 -12.54 -0.41
C SER C 120 25.52 -13.86 -0.24
N ASN C 121 24.80 -14.97 -0.22
CA ASN C 121 25.42 -16.28 -0.36
C ASN C 121 25.39 -16.78 -1.79
N LEU C 122 24.64 -16.11 -2.67
CA LEU C 122 24.48 -16.46 -4.07
C LEU C 122 24.85 -15.29 -4.97
N ILE C 123 25.29 -15.62 -6.18
CA ILE C 123 25.47 -14.66 -7.24
C ILE C 123 24.73 -15.18 -8.47
N VAL C 124 24.00 -14.29 -9.14
CA VAL C 124 23.35 -14.63 -10.40
C VAL C 124 24.09 -13.89 -11.52
N SER C 125 24.40 -14.62 -12.59
CA SER C 125 25.08 -14.04 -13.73
C SER C 125 24.29 -14.30 -14.99
N GLY C 126 24.51 -13.43 -15.97
CA GLY C 126 23.88 -13.56 -17.28
C GLY C 126 24.90 -13.24 -18.35
N SER C 127 24.79 -13.95 -19.47
CA SER C 127 25.88 -14.01 -20.41
C SER C 127 25.38 -13.93 -21.85
N PHE C 128 26.31 -13.56 -22.72
CA PHE C 128 26.10 -13.61 -24.15
C PHE C 128 25.87 -15.04 -24.64
N ASP C 129 26.35 -16.05 -23.90
CA ASP C 129 26.14 -17.46 -24.21
C ASP C 129 24.70 -17.93 -23.94
N GLU C 130 23.82 -17.01 -23.54
CA GLU C 130 22.35 -17.13 -23.55
C GLU C 130 21.85 -17.81 -22.31
N SER C 131 22.73 -18.06 -21.36
CA SER C 131 22.35 -18.77 -20.16
C SER C 131 22.39 -17.83 -18.93
N VAL C 132 21.84 -18.33 -17.82
CA VAL C 132 21.93 -17.68 -16.52
C VAL C 132 22.53 -18.69 -15.54
N ARG C 133 23.48 -18.23 -14.74
CA ARG C 133 24.18 -19.11 -13.80
C ARG C 133 24.00 -18.60 -12.39
N ILE C 134 23.91 -19.54 -11.45
CA ILE C 134 23.75 -19.26 -10.03
C ILE C 134 24.95 -19.84 -9.32
N TRP C 135 25.66 -19.00 -8.55
CA TRP C 135 26.95 -19.37 -8.00
C TRP C 135 26.92 -19.28 -6.48
N ASP C 136 27.60 -20.21 -5.84
CA ASP C 136 27.82 -20.14 -4.41
C ASP C 136 28.95 -19.17 -4.12
N VAL C 137 28.65 -18.15 -3.30
CA VAL C 137 29.63 -17.12 -3.02
C VAL C 137 30.81 -17.68 -2.23
N LYS C 138 30.55 -18.59 -1.29
CA LYS C 138 31.61 -19.07 -0.39
C LYS C 138 32.64 -19.91 -1.13
N THR C 139 32.19 -20.82 -2.01
CA THR C 139 33.12 -21.71 -2.68
C THR C 139 33.50 -21.27 -4.09
N GLY C 140 32.78 -20.30 -4.66
CA GLY C 140 33.05 -19.94 -6.04
C GLY C 140 32.56 -20.94 -7.05
N LYS C 141 31.80 -21.94 -6.62
CA LYS C 141 31.32 -23.01 -7.47
C LYS C 141 29.97 -22.62 -8.09
N CYS C 142 29.75 -23.04 -9.34
CA CYS C 142 28.48 -22.78 -10.00
C CYS C 142 27.47 -23.82 -9.56
N LEU C 143 26.38 -23.35 -8.94
CA LEU C 143 25.36 -24.27 -8.43
C LEU C 143 24.39 -24.70 -9.52
N LYS C 144 24.05 -23.81 -10.46
CA LYS C 144 23.03 -24.08 -11.47
C LYS C 144 23.33 -23.29 -12.73
N THR C 145 22.89 -23.83 -13.86
CA THR C 145 22.95 -23.15 -15.15
C THR C 145 21.56 -23.25 -15.78
N LEU C 146 20.85 -22.14 -15.81
CA LEU C 146 19.53 -22.13 -16.40
C LEU C 146 19.65 -21.94 -17.90
N PRO C 147 19.07 -22.82 -18.72
CA PRO C 147 18.98 -22.52 -20.16
C PRO C 147 17.96 -21.42 -20.39
N ALA C 148 18.32 -20.19 -20.01
CA ALA C 148 17.33 -19.15 -19.79
C ALA C 148 16.80 -18.58 -21.11
N HIS C 149 17.70 -18.30 -22.06
CA HIS C 149 17.31 -17.57 -23.25
C HIS C 149 17.95 -18.18 -24.50
N SER C 150 17.55 -17.65 -25.65
CA SER C 150 18.07 -18.06 -26.94
C SER C 150 18.79 -16.92 -27.65
N ASP C 151 19.05 -15.84 -26.92
CA ASP C 151 19.91 -14.74 -27.35
C ASP C 151 20.66 -14.25 -26.12
N PRO C 152 21.60 -13.32 -26.29
CA PRO C 152 22.31 -12.78 -25.13
C PRO C 152 21.37 -12.26 -24.03
N VAL C 153 21.82 -12.42 -22.79
CA VAL C 153 21.07 -12.05 -21.60
C VAL C 153 21.44 -10.63 -21.22
N SER C 154 20.43 -9.77 -21.05
CA SER C 154 20.73 -8.37 -20.74
C SER C 154 20.74 -8.06 -19.25
N ALA C 155 19.97 -8.76 -18.42
CA ALA C 155 19.84 -8.34 -17.03
C ALA C 155 19.45 -9.52 -16.14
N VAL C 156 19.95 -9.51 -14.90
CA VAL C 156 19.59 -10.48 -13.89
C VAL C 156 19.45 -9.76 -12.56
N HIS C 157 18.43 -10.16 -11.79
CA HIS C 157 18.09 -9.46 -10.56
C HIS C 157 17.28 -10.38 -9.66
N PHE C 158 17.62 -10.35 -8.36
CA PHE C 158 16.91 -11.10 -7.33
C PHE C 158 15.80 -10.22 -6.76
N ASN C 159 14.75 -10.84 -6.24
CA ASN C 159 13.71 -10.09 -5.53
C ASN C 159 14.10 -9.91 -4.06
N ARG C 160 13.24 -9.18 -3.32
CA ARG C 160 13.63 -8.67 -2.01
C ARG C 160 14.04 -9.79 -1.04
N ASP C 161 13.47 -10.98 -1.17
CA ASP C 161 13.81 -12.06 -0.27
C ASP C 161 14.64 -13.15 -0.94
N GLY C 162 15.02 -12.94 -2.20
CA GLY C 162 15.90 -13.83 -2.90
C GLY C 162 15.26 -15.08 -3.43
N SER C 163 13.96 -15.24 -3.26
CA SER C 163 13.31 -16.46 -3.73
C SER C 163 13.15 -16.48 -5.25
N LEU C 164 13.18 -15.31 -5.90
CA LEU C 164 12.95 -15.16 -7.33
C LEU C 164 14.12 -14.47 -8.02
N ILE C 165 14.29 -14.82 -9.29
CA ILE C 165 15.22 -14.16 -10.19
C ILE C 165 14.45 -13.75 -11.43
N VAL C 166 14.66 -12.52 -11.88
CA VAL C 166 14.12 -12.10 -13.17
C VAL C 166 15.29 -11.95 -14.15
N SER C 167 15.05 -12.31 -15.39
CA SER C 167 16.05 -12.26 -16.44
C SER C 167 15.43 -11.66 -17.69
N SER C 168 16.26 -10.94 -18.45
CA SER C 168 15.83 -10.34 -19.70
C SER C 168 16.87 -10.64 -20.79
N SER C 169 16.45 -10.50 -22.04
CA SER C 169 17.32 -10.90 -23.13
C SER C 169 16.96 -10.14 -24.41
N TYR C 170 17.94 -10.13 -25.33
CA TYR C 170 17.71 -9.75 -26.71
C TYR C 170 16.66 -10.61 -27.39
N ASP C 171 16.35 -11.78 -26.84
CA ASP C 171 15.38 -12.64 -27.49
C ASP C 171 13.96 -12.17 -27.27
N GLY C 172 13.75 -11.06 -26.57
CA GLY C 172 12.43 -10.51 -26.39
C GLY C 172 11.68 -11.02 -25.19
N LEU C 173 12.29 -11.87 -24.38
CA LEU C 173 11.63 -12.45 -23.22
C LEU C 173 12.12 -11.80 -21.94
N CYS C 174 11.20 -11.66 -20.98
CA CYS C 174 11.53 -11.42 -19.59
C CYS C 174 10.96 -12.58 -18.80
N ARG C 175 11.81 -13.25 -18.02
CA ARG C 175 11.46 -14.52 -17.40
C ARG C 175 11.67 -14.46 -15.89
N ILE C 176 10.79 -15.12 -15.14
CA ILE C 176 10.87 -15.18 -13.68
C ILE C 176 11.21 -16.61 -13.27
N TRP C 177 12.20 -16.76 -12.40
CA TRP C 177 12.75 -18.06 -12.05
C TRP C 177 12.68 -18.30 -10.56
N ASP C 178 12.38 -19.55 -10.19
CA ASP C 178 12.45 -20.01 -8.81
C ASP C 178 13.90 -20.28 -8.46
N THR C 179 14.46 -19.46 -7.58
CA THR C 179 15.88 -19.57 -7.23
C THR C 179 16.21 -21.00 -6.81
N ALA C 180 15.36 -21.58 -5.96
CA ALA C 180 15.67 -22.84 -5.30
C ALA C 180 15.79 -23.98 -6.32
N SER C 181 14.79 -24.11 -7.20
CA SER C 181 14.73 -25.22 -8.14
C SER C 181 15.26 -24.89 -9.51
N GLY C 182 15.34 -23.61 -9.88
CA GLY C 182 15.71 -23.28 -11.23
C GLY C 182 14.58 -23.33 -12.23
N GLN C 183 13.38 -23.74 -11.83
CA GLN C 183 12.26 -23.77 -12.76
C GLN C 183 11.82 -22.36 -13.13
N CYS C 184 11.36 -22.21 -14.37
CA CYS C 184 10.75 -20.95 -14.80
C CYS C 184 9.27 -20.94 -14.40
N LEU C 185 8.86 -19.89 -13.71
CA LEU C 185 7.47 -19.79 -13.27
C LEU C 185 6.63 -18.86 -14.12
N LYS C 186 7.26 -17.92 -14.83
CA LYS C 186 6.52 -16.97 -15.64
C LYS C 186 7.40 -16.41 -16.74
N THR C 187 6.81 -16.19 -17.90
CA THR C 187 7.38 -15.39 -18.98
C THR C 187 6.40 -14.28 -19.31
N LEU C 188 6.84 -13.01 -19.19
CA LEU C 188 6.05 -11.88 -19.72
C LEU C 188 6.42 -11.65 -21.19
N ILE C 189 5.45 -11.83 -22.09
CA ILE C 189 5.63 -11.51 -23.51
C ILE C 189 4.61 -10.45 -23.95
N ASN C 193 8.51 -9.05 -31.67
CA ASN C 193 8.60 -8.67 -30.25
C ASN C 193 9.97 -8.01 -30.01
N PRO C 194 10.01 -6.77 -29.48
CA PRO C 194 11.29 -6.04 -29.30
C PRO C 194 12.26 -6.61 -28.26
N PRO C 195 13.58 -6.54 -28.49
CA PRO C 195 14.56 -6.96 -27.50
C PRO C 195 14.38 -6.32 -26.10
N VAL C 196 14.58 -7.10 -25.04
CA VAL C 196 14.46 -6.57 -23.64
C VAL C 196 15.86 -6.24 -23.14
N SER C 197 16.14 -4.96 -22.90
CA SER C 197 17.50 -4.52 -22.61
C SER C 197 17.82 -4.40 -21.13
N PHE C 198 16.81 -4.23 -20.27
CA PHE C 198 17.06 -4.19 -18.83
C PHE C 198 15.79 -4.58 -18.09
N VAL C 199 15.98 -5.05 -16.86
CA VAL C 199 14.87 -5.57 -16.07
C VAL C 199 15.32 -5.62 -14.61
N LYS C 200 14.37 -5.44 -13.69
CA LYS C 200 14.68 -5.46 -12.26
C LYS C 200 13.39 -5.41 -11.45
N PHE C 201 13.44 -6.01 -10.25
CA PHE C 201 12.32 -5.99 -9.32
C PHE C 201 12.21 -4.64 -8.64
N SER C 202 10.96 -4.24 -8.34
CA SER C 202 10.70 -3.07 -7.50
C SER C 202 11.18 -3.35 -6.09
N PRO C 203 11.37 -2.30 -5.26
CA PRO C 203 11.88 -2.54 -3.90
C PRO C 203 11.02 -3.47 -3.06
N ASN C 204 9.70 -3.44 -3.25
CA ASN C 204 8.82 -4.35 -2.54
C ASN C 204 8.61 -5.68 -3.26
N GLY C 205 9.29 -5.91 -4.37
CA GLY C 205 9.17 -7.17 -5.06
C GLY C 205 7.85 -7.42 -5.77
N LYS C 206 6.88 -6.51 -5.69
CA LYS C 206 5.62 -6.78 -6.40
C LYS C 206 5.71 -6.45 -7.89
N TYR C 207 6.52 -5.47 -8.27
CA TYR C 207 6.55 -4.97 -9.64
C TYR C 207 7.87 -5.30 -10.32
N ILE C 208 7.85 -5.18 -11.64
CA ILE C 208 9.02 -5.41 -12.49
C ILE C 208 9.13 -4.24 -13.44
N LEU C 209 10.30 -3.61 -13.47
CA LEU C 209 10.56 -2.52 -14.40
C LEU C 209 11.38 -3.05 -15.57
N ALA C 210 10.92 -2.80 -16.81
CA ALA C 210 11.53 -3.40 -17.99
C ALA C 210 11.77 -2.37 -19.07
N ALA C 211 12.95 -2.42 -19.66
CA ALA C 211 13.38 -1.56 -20.75
C ALA C 211 13.49 -2.37 -22.03
N THR C 212 12.88 -1.88 -23.10
CA THR C 212 12.94 -2.53 -24.40
C THR C 212 13.51 -1.55 -25.41
N LEU C 213 14.03 -2.09 -26.51
CA LEU C 213 14.79 -1.25 -27.44
C LEU C 213 13.89 -0.60 -28.48
N ASP C 214 12.73 -0.17 -28.03
CA ASP C 214 11.79 0.66 -28.77
C ASP C 214 11.53 1.95 -28.00
N ASN C 215 12.54 2.42 -27.26
CA ASN C 215 12.50 3.65 -26.49
C ASN C 215 11.37 3.62 -25.46
N THR C 216 11.25 2.51 -24.76
CA THR C 216 10.16 2.35 -23.81
C THR C 216 10.63 1.64 -22.53
N LEU C 217 10.20 2.20 -21.40
CA LEU C 217 10.28 1.54 -20.09
C LEU C 217 8.87 1.24 -19.61
N LYS C 218 8.67 0.06 -18.99
CA LYS C 218 7.34 -0.32 -18.53
C LYS C 218 7.41 -0.92 -17.12
N LEU C 219 6.42 -0.56 -16.30
CA LEU C 219 6.25 -1.11 -14.97
C LEU C 219 5.18 -2.20 -15.02
N TRP C 220 5.59 -3.45 -14.84
CA TRP C 220 4.71 -4.60 -14.89
C TRP C 220 4.38 -5.10 -13.49
N ASP C 221 3.17 -5.66 -13.35
CA ASP C 221 2.82 -6.49 -12.22
C ASP C 221 2.95 -7.94 -12.67
N TYR C 222 3.99 -8.64 -12.22
CA TYR C 222 4.23 -9.97 -12.74
C TYR C 222 3.14 -10.94 -12.30
N SER C 223 2.63 -10.78 -11.08
CA SER C 223 1.54 -11.64 -10.62
C SER C 223 0.37 -11.65 -11.62
N LYS C 224 -0.13 -10.47 -11.97
CA LYS C 224 -1.22 -10.38 -12.95
C LYS C 224 -0.73 -10.35 -14.38
N GLY C 225 0.54 -10.07 -14.61
CA GLY C 225 1.02 -9.97 -15.98
C GLY C 225 0.44 -8.80 -16.75
N LYS C 226 0.13 -7.71 -16.07
CA LYS C 226 -0.39 -6.52 -16.71
C LYS C 226 0.66 -5.41 -16.63
N CYS C 227 0.71 -4.61 -17.69
CA CYS C 227 1.53 -3.40 -17.69
C CYS C 227 0.77 -2.32 -16.94
N LEU C 228 1.37 -1.80 -15.87
CA LEU C 228 0.74 -0.78 -15.05
C LEU C 228 1.15 0.64 -15.41
N LYS C 229 2.37 0.84 -15.89
CA LYS C 229 2.86 2.17 -16.22
C LYS C 229 3.80 2.06 -17.42
N THR C 230 3.79 3.09 -18.27
CA THR C 230 4.68 3.17 -19.42
C THR C 230 5.31 4.55 -19.46
N TYR C 231 6.63 4.60 -19.50
CA TYR C 231 7.41 5.84 -19.49
C TYR C 231 8.16 5.98 -20.81
N THR C 232 8.07 7.16 -21.43
CA THR C 232 8.67 7.41 -22.73
C THR C 232 9.24 8.82 -22.74
N GLY C 233 9.84 9.19 -23.87
CA GLY C 233 10.48 10.49 -24.06
C GLY C 233 11.95 10.38 -24.41
N HIS C 234 12.61 9.31 -23.99
CA HIS C 234 14.06 9.14 -24.08
C HIS C 234 14.43 8.32 -25.31
N LYS C 235 15.73 8.18 -25.53
CA LYS C 235 16.26 7.43 -26.66
C LYS C 235 16.97 6.18 -26.13
N ASN C 236 16.49 5.01 -26.56
CA ASN C 236 17.08 3.74 -26.14
C ASN C 236 16.68 2.69 -27.18
N GLU C 237 17.48 2.60 -28.24
CA GLU C 237 17.29 1.61 -29.29
C GLU C 237 18.44 0.65 -29.46
N LYS C 238 19.58 0.87 -28.79
CA LYS C 238 20.75 0.05 -29.06
C LYS C 238 21.32 -0.57 -27.79
N TYR C 239 21.54 0.26 -26.76
CA TYR C 239 22.27 -0.16 -25.58
C TYR C 239 21.33 -0.65 -24.47
N CYS C 240 21.91 -1.44 -23.56
CA CYS C 240 21.22 -1.95 -22.39
C CYS C 240 21.46 -0.98 -21.24
N ILE C 241 20.51 -0.09 -21.02
CA ILE C 241 20.66 0.99 -20.05
C ILE C 241 19.90 0.62 -18.78
N PHE C 242 20.59 0.65 -17.65
CA PHE C 242 19.92 0.47 -16.36
C PHE C 242 18.80 1.50 -16.19
N ALA C 243 17.80 1.14 -15.38
CA ALA C 243 16.83 2.08 -14.85
C ALA C 243 16.75 1.87 -13.33
N ASN C 244 16.17 2.84 -12.63
CA ASN C 244 16.13 2.79 -11.18
C ASN C 244 14.78 3.23 -10.63
N PHE C 245 14.49 2.75 -9.42
CA PHE C 245 13.44 3.32 -8.57
C PHE C 245 14.12 4.28 -7.61
N SER C 246 13.83 5.57 -7.74
CA SER C 246 14.28 6.52 -6.74
C SER C 246 13.22 6.62 -5.67
N VAL C 247 13.58 6.25 -4.44
CA VAL C 247 12.63 6.22 -3.33
C VAL C 247 13.07 7.10 -2.18
N THR C 248 14.18 7.83 -2.33
CA THR C 248 14.71 8.59 -1.21
C THR C 248 13.84 9.81 -0.91
N GLY C 249 13.32 10.46 -1.95
CA GLY C 249 12.43 11.58 -1.78
C GLY C 249 11.12 11.33 -2.49
N GLY C 250 10.86 12.09 -3.56
CA GLY C 250 9.75 11.77 -4.43
C GLY C 250 9.91 10.40 -5.08
N LYS C 251 8.79 9.86 -5.55
CA LYS C 251 8.77 8.54 -6.18
C LYS C 251 9.09 8.68 -7.67
N TRP C 252 10.37 8.50 -8.01
CA TRP C 252 10.83 8.68 -9.37
C TRP C 252 11.22 7.36 -10.02
N ILE C 253 11.21 7.37 -11.35
CA ILE C 253 11.87 6.38 -12.19
C ILE C 253 13.02 7.08 -12.90
N VAL C 254 14.23 6.53 -12.79
CA VAL C 254 15.43 7.17 -13.31
C VAL C 254 16.06 6.28 -14.37
N SER C 255 16.31 6.86 -15.55
CA SER C 255 17.05 6.11 -16.57
C SER C 255 17.99 7.02 -17.34
N GLY C 256 19.06 6.43 -17.89
CA GLY C 256 19.89 7.10 -18.87
C GLY C 256 19.32 7.00 -20.27
N SER C 257 19.95 7.71 -21.21
CA SER C 257 19.41 7.82 -22.56
C SER C 257 20.53 7.96 -23.58
N GLU C 258 20.22 7.56 -24.81
CA GLU C 258 21.19 7.62 -25.89
C GLU C 258 21.33 9.03 -26.48
N ASP C 259 20.50 9.99 -26.06
CA ASP C 259 20.71 11.40 -26.37
C ASP C 259 21.59 12.11 -25.34
N ASN C 260 22.31 11.36 -24.50
CA ASN C 260 23.32 11.83 -23.55
C ASN C 260 22.73 12.46 -22.29
N LEU C 261 21.42 12.32 -22.04
CA LEU C 261 20.76 12.92 -20.88
C LEU C 261 20.28 11.84 -19.92
N VAL C 262 20.09 12.24 -18.66
CA VAL C 262 19.47 11.38 -17.64
C VAL C 262 18.02 11.81 -17.48
N TYR C 263 17.10 10.86 -17.66
CA TYR C 263 15.67 11.14 -17.62
C TYR C 263 15.09 10.73 -16.27
N ILE C 264 14.19 11.57 -15.74
CA ILE C 264 13.49 11.27 -14.49
C ILE C 264 11.99 11.48 -14.69
N TRP C 265 11.21 10.43 -14.46
CA TRP C 265 9.77 10.44 -14.54
C TRP C 265 9.16 10.26 -13.15
N ASN C 266 8.00 10.85 -12.96
CA ASN C 266 7.21 10.57 -11.76
C ASN C 266 6.60 9.19 -11.94
N LEU C 267 6.83 8.29 -10.96
CA LEU C 267 6.40 6.92 -11.13
C LEU C 267 4.93 6.81 -11.55
N GLN C 268 4.05 7.58 -10.91
CA GLN C 268 2.61 7.39 -11.11
C GLN C 268 2.06 8.17 -12.31
N THR C 269 2.40 9.44 -12.45
CA THR C 269 1.86 10.19 -13.57
C THR C 269 2.58 9.93 -14.89
N LYS C 270 3.68 9.16 -14.89
CA LYS C 270 4.47 8.84 -16.08
C LYS C 270 5.08 10.07 -16.73
N GLU C 271 4.92 11.24 -16.12
CA GLU C 271 5.38 12.48 -16.72
C GLU C 271 6.85 12.74 -16.40
N ILE C 272 7.58 13.18 -17.42
CA ILE C 272 8.98 13.56 -17.22
C ILE C 272 9.01 14.76 -16.29
N VAL C 273 9.77 14.63 -15.20
CA VAL C 273 9.90 15.73 -14.26
C VAL C 273 11.24 16.44 -14.36
N GLN C 274 12.28 15.76 -14.84
CA GLN C 274 13.60 16.39 -14.97
C GLN C 274 14.46 15.62 -15.98
N LYS C 275 15.30 16.37 -16.69
CA LYS C 275 16.30 15.82 -17.60
C LYS C 275 17.64 16.45 -17.27
N LEU C 276 18.63 15.62 -16.96
CA LEU C 276 19.91 16.08 -16.45
C LEU C 276 20.90 16.17 -17.60
N GLN C 277 21.33 17.38 -17.90
CA GLN C 277 22.25 17.65 -19.00
C GLN C 277 23.69 17.76 -18.49
N GLY C 278 24.62 17.14 -19.20
CA GLY C 278 26.02 17.28 -18.87
C GLY C 278 26.92 16.26 -19.52
N HIS C 279 26.41 15.05 -19.70
CA HIS C 279 27.24 14.03 -20.34
C HIS C 279 27.43 14.37 -21.81
N THR C 280 28.48 13.80 -22.40
CA THR C 280 28.83 14.03 -23.79
C THR C 280 28.84 12.73 -24.59
N ASP C 281 28.13 11.71 -24.11
CA ASP C 281 27.97 10.43 -24.78
C ASP C 281 26.80 9.71 -24.11
N VAL C 282 26.43 8.54 -24.67
CA VAL C 282 25.30 7.78 -24.15
C VAL C 282 25.50 7.50 -22.67
N VAL C 283 24.44 7.74 -21.88
CA VAL C 283 24.44 7.39 -20.46
C VAL C 283 23.98 5.94 -20.32
N ILE C 284 24.93 5.04 -20.04
CA ILE C 284 24.61 3.62 -20.05
C ILE C 284 24.04 3.16 -18.71
N SER C 285 24.35 3.87 -17.64
CA SER C 285 24.08 3.38 -16.29
C SER C 285 23.75 4.54 -15.38
N THR C 286 22.77 4.34 -14.50
CA THR C 286 22.43 5.30 -13.47
C THR C 286 22.21 4.56 -12.16
N ALA C 287 22.40 5.28 -11.06
CA ALA C 287 22.27 4.70 -9.73
C ALA C 287 21.77 5.76 -8.75
N CYS C 288 20.97 5.33 -7.79
CA CYS C 288 20.37 6.22 -6.79
C CYS C 288 20.92 5.87 -5.42
N HIS C 289 21.30 6.90 -4.66
CA HIS C 289 21.92 6.67 -3.36
C HIS C 289 20.89 6.04 -2.41
N PRO C 290 21.31 5.16 -1.51
CA PRO C 290 20.34 4.43 -0.69
C PRO C 290 19.62 5.26 0.36
N THR C 291 20.24 6.33 0.90
CA THR C 291 19.57 7.15 1.92
C THR C 291 19.45 8.63 1.57
N GLU C 292 20.19 9.13 0.58
CA GLU C 292 20.21 10.55 0.25
C GLU C 292 19.72 10.72 -1.19
N ASN C 293 19.18 11.91 -1.49
CA ASN C 293 18.74 12.27 -2.85
C ASN C 293 19.97 12.53 -3.72
N ILE C 294 20.62 11.45 -4.14
CA ILE C 294 21.84 11.54 -4.94
C ILE C 294 21.73 10.54 -6.09
N ILE C 295 22.09 10.99 -7.29
CA ILE C 295 22.09 10.17 -8.49
C ILE C 295 23.50 10.13 -9.03
N ALA C 296 23.96 8.94 -9.40
CA ALA C 296 25.20 8.80 -10.16
C ALA C 296 24.87 8.35 -11.57
N SER C 297 25.67 8.79 -12.52
CA SER C 297 25.46 8.40 -13.91
C SER C 297 26.81 8.26 -14.61
N ALA C 298 26.83 7.43 -15.64
CA ALA C 298 28.06 7.03 -16.32
C ALA C 298 27.83 6.96 -17.82
N ALA C 299 28.80 7.46 -18.59
CA ALA C 299 28.67 7.54 -20.04
C ALA C 299 29.78 6.75 -20.74
N LEU C 300 29.66 6.68 -22.06
CA LEU C 300 30.50 5.83 -22.91
C LEU C 300 31.75 6.57 -23.38
N GLU C 301 32.42 6.03 -24.43
CA GLU C 301 33.84 6.32 -24.70
C GLU C 301 34.12 7.77 -25.02
N ASN C 302 33.20 8.44 -25.69
CA ASN C 302 33.41 9.87 -25.92
C ASN C 302 33.28 10.71 -24.62
N ASP C 303 33.14 10.09 -23.46
CA ASP C 303 32.87 10.79 -22.21
C ASP C 303 33.75 10.26 -21.09
N LYS C 304 33.58 8.99 -20.73
CA LYS C 304 34.45 8.28 -19.79
C LYS C 304 34.38 8.82 -18.37
N THR C 305 33.38 9.66 -18.05
CA THR C 305 33.25 10.21 -16.71
C THR C 305 32.02 9.66 -16.01
N ILE C 306 32.05 9.75 -14.69
CA ILE C 306 30.89 9.51 -13.84
C ILE C 306 30.43 10.87 -13.33
N LYS C 307 29.12 11.08 -13.25
CA LYS C 307 28.62 12.32 -12.71
C LYS C 307 27.70 12.07 -11.52
N LEU C 308 27.81 12.95 -10.53
CA LEU C 308 27.05 12.90 -9.28
C LEU C 308 26.14 14.12 -9.19
N TRP C 309 24.85 13.88 -8.98
CA TRP C 309 23.84 14.93 -8.92
C TRP C 309 23.10 14.84 -7.60
N LYS C 310 22.69 16.00 -7.08
CA LYS C 310 22.01 16.03 -5.80
C LYS C 310 20.77 16.90 -5.90
N SER C 311 19.72 16.49 -5.16
CA SER C 311 18.43 17.15 -5.19
C SER C 311 17.93 17.37 -3.77
N ASP C 312 16.99 18.31 -3.63
CA ASP C 312 16.38 18.58 -2.33
C ASP C 312 15.15 17.73 -2.06
N CYS C 313 14.78 16.84 -2.97
CA CYS C 313 13.57 16.06 -2.78
C CYS C 313 13.50 14.92 -3.77
N VAL D 8 15.22 -42.18 -22.52
CA VAL D 8 14.28 -41.71 -21.49
C VAL D 8 14.83 -40.49 -20.81
N PHE D 9 13.98 -39.49 -20.60
CA PHE D 9 14.38 -38.25 -19.95
C PHE D 9 13.65 -38.09 -18.63
N SER D 10 14.30 -37.42 -17.67
CA SER D 10 13.65 -37.12 -16.40
C SER D 10 12.50 -36.13 -16.62
N GLN D 11 11.66 -35.99 -15.60
CA GLN D 11 10.63 -34.97 -15.62
C GLN D 11 11.21 -33.59 -15.86
N ALA D 12 12.25 -33.21 -15.10
CA ALA D 12 12.87 -31.91 -15.28
C ALA D 12 13.43 -31.75 -16.68
N GLN D 13 14.10 -32.79 -17.19
CA GLN D 13 14.74 -32.67 -18.49
C GLN D 13 13.70 -32.46 -19.58
N LEU D 14 12.62 -33.25 -19.56
CA LEU D 14 11.53 -33.08 -20.51
C LEU D 14 10.89 -31.70 -20.37
N CYS D 15 10.70 -31.25 -19.13
CA CYS D 15 10.17 -29.91 -18.89
C CYS D 15 10.97 -28.85 -19.63
N ALA D 16 12.30 -28.90 -19.49
CA ALA D 16 13.14 -27.92 -20.19
C ALA D 16 12.98 -28.04 -21.71
N LEU D 17 13.14 -29.24 -22.26
CA LEU D 17 13.11 -29.43 -23.70
C LEU D 17 11.84 -28.82 -24.30
N LYS D 18 10.68 -29.22 -23.77
CA LYS D 18 9.40 -28.70 -24.22
C LYS D 18 9.31 -27.19 -24.04
N ASP D 19 9.86 -26.67 -22.95
CA ASP D 19 9.86 -25.22 -22.75
C ASP D 19 10.56 -24.52 -23.91
N ARG D 20 11.77 -24.99 -24.24
CA ARG D 20 12.52 -24.40 -25.34
C ARG D 20 11.81 -24.61 -26.67
N PHE D 21 11.27 -25.79 -26.92
CA PHE D 21 10.59 -26.07 -28.16
C PHE D 21 9.41 -25.16 -28.45
N GLN D 22 8.69 -24.83 -27.40
CA GLN D 22 7.64 -23.85 -27.46
C GLN D 22 8.10 -22.46 -27.80
N LYS D 23 9.30 -22.10 -27.41
CA LYS D 23 9.87 -20.84 -27.73
C LYS D 23 10.66 -20.82 -29.02
N GLN D 24 11.18 -21.95 -29.48
CA GLN D 24 12.08 -22.01 -30.62
C GLN D 24 11.94 -23.41 -31.20
N LYS D 25 11.20 -23.52 -32.31
CA LYS D 25 10.99 -24.80 -32.95
C LYS D 25 12.30 -25.38 -33.49
N TYR D 26 13.24 -24.54 -33.89
CA TYR D 26 14.52 -24.94 -34.49
C TYR D 26 15.65 -24.28 -33.73
N LEU D 27 16.49 -25.07 -33.09
CA LEU D 27 17.67 -24.58 -32.41
C LEU D 27 18.90 -24.76 -33.29
N SER D 28 19.85 -23.83 -33.16
CA SER D 28 21.08 -23.97 -33.94
C SER D 28 21.85 -25.18 -33.45
N LEU D 29 22.87 -25.55 -34.24
CA LEU D 29 23.75 -26.63 -33.82
C LEU D 29 24.42 -26.29 -32.49
N GLN D 30 25.01 -25.10 -32.40
CA GLN D 30 25.61 -24.66 -31.15
C GLN D 30 24.61 -24.68 -30.00
N GLN D 31 23.39 -24.18 -30.24
CA GLN D 31 22.42 -24.11 -29.15
C GLN D 31 22.02 -25.50 -28.65
N MET D 32 21.91 -26.48 -29.55
CA MET D 32 21.57 -27.83 -29.11
C MET D 32 22.71 -28.46 -28.32
N GLN D 33 23.95 -28.18 -28.73
CA GLN D 33 25.09 -28.65 -27.96
C GLN D 33 25.12 -28.03 -26.57
N GLU D 34 25.02 -26.71 -26.50
CA GLU D 34 24.97 -25.98 -25.26
C GLU D 34 23.85 -26.43 -24.35
N LEU D 35 22.69 -26.64 -24.93
CA LEU D 35 21.55 -27.07 -24.21
C LEU D 35 21.69 -28.48 -23.70
N SER D 36 22.27 -29.38 -24.46
CA SER D 36 22.46 -30.75 -24.03
C SER D 36 23.41 -30.80 -22.83
N SER D 37 24.51 -30.03 -22.87
CA SER D 37 25.40 -29.97 -21.73
C SER D 37 24.67 -29.52 -20.48
N ILE D 38 23.88 -28.45 -20.58
CA ILE D 38 23.18 -27.91 -19.42
C ILE D 38 22.28 -28.96 -18.79
N LEU D 39 21.61 -29.76 -19.60
CA LEU D 39 20.67 -30.76 -19.13
C LEU D 39 21.30 -32.12 -18.90
N ASN D 40 22.63 -32.25 -19.03
CA ASN D 40 23.33 -33.54 -18.91
C ASN D 40 22.70 -34.59 -19.82
N LEU D 41 22.52 -34.22 -21.08
CA LEU D 41 22.05 -35.08 -22.16
C LEU D 41 23.13 -35.11 -23.22
N SER D 42 23.06 -36.10 -24.10
CA SER D 42 23.99 -36.10 -25.22
C SER D 42 23.46 -35.17 -26.30
N TYR D 43 24.39 -34.61 -27.08
CA TYR D 43 23.98 -33.77 -28.20
C TYR D 43 23.02 -34.51 -29.13
N LYS D 44 23.32 -35.79 -29.41
CA LYS D 44 22.48 -36.61 -30.29
C LYS D 44 21.08 -36.81 -29.72
N GLN D 45 20.99 -37.01 -28.40
CA GLN D 45 19.67 -37.11 -27.77
C GLN D 45 18.85 -35.85 -27.99
N VAL D 46 19.45 -34.67 -27.83
CA VAL D 46 18.69 -33.43 -27.97
C VAL D 46 18.26 -33.23 -29.41
N LYS D 47 19.21 -33.31 -30.34
CA LYS D 47 18.87 -33.15 -31.76
C LYS D 47 17.79 -34.14 -32.18
N THR D 48 17.91 -35.39 -31.73
CA THR D 48 16.90 -36.38 -32.10
C THR D 48 15.55 -36.05 -31.48
N TRP D 49 15.55 -35.53 -30.25
CA TRP D 49 14.27 -35.18 -29.62
C TRP D 49 13.58 -34.08 -30.41
N PHE D 50 14.33 -33.07 -30.83
CA PHE D 50 13.71 -31.97 -31.57
C PHE D 50 13.18 -32.45 -32.91
N GLN D 51 13.94 -33.29 -33.60
CA GLN D 51 13.48 -33.80 -34.89
C GLN D 51 12.17 -34.58 -34.73
N ASN D 52 12.09 -35.45 -33.72
CA ASN D 52 10.87 -36.22 -33.52
C ASN D 52 9.72 -35.33 -33.08
N GLN D 53 10.02 -34.31 -32.27
CA GLN D 53 8.98 -33.40 -31.79
C GLN D 53 8.35 -32.66 -32.96
N ARG D 54 9.14 -32.31 -33.98
CA ARG D 54 8.60 -31.59 -35.12
C ARG D 54 7.74 -32.47 -36.02
N MET D 55 7.75 -33.78 -35.80
CA MET D 55 7.01 -34.71 -36.65
C MET D 55 5.65 -35.09 -36.09
N LYS D 56 5.34 -34.74 -34.85
CA LYS D 56 4.07 -35.19 -34.29
C LYS D 56 2.93 -34.29 -34.74
N CYS D 57 1.72 -34.89 -34.78
CA CYS D 57 0.47 -34.16 -34.87
C CYS D 57 0.37 -33.31 -36.14
N LYS D 58 0.44 -33.97 -37.28
CA LYS D 58 0.38 -33.29 -38.57
C LYS D 58 -1.02 -33.40 -39.15
N ARG D 59 -1.56 -32.26 -39.62
CA ARG D 59 -2.75 -32.26 -40.45
C ARG D 59 -2.43 -32.23 -41.96
N TRP D 60 -1.23 -31.80 -42.34
CA TRP D 60 -0.76 -31.89 -43.72
C TRP D 60 0.74 -32.12 -43.68
N GLN D 61 1.31 -32.50 -44.83
CA GLN D 61 2.75 -32.77 -44.94
C GLN D 61 3.59 -31.50 -44.75
N LYS E 2 -11.79 13.48 -28.18
CA LYS E 2 -11.93 14.69 -27.38
C LYS E 2 -13.16 15.50 -27.78
N GLN E 3 -13.75 15.22 -28.94
CA GLN E 3 -15.03 15.83 -29.31
C GLN E 3 -16.17 14.83 -29.11
N LYS E 4 -17.38 15.37 -29.00
CA LYS E 4 -18.55 14.56 -28.70
C LYS E 4 -18.86 13.59 -29.84
N MET E 5 -19.31 12.38 -29.47
CA MET E 5 -19.67 11.40 -30.49
C MET E 5 -20.84 11.89 -31.34
N ALA E 6 -21.66 12.81 -30.81
CA ALA E 6 -22.72 13.41 -31.63
C ALA E 6 -22.19 14.14 -32.87
N THR E 7 -20.87 14.32 -33.01
CA THR E 7 -20.32 14.92 -34.22
C THR E 7 -19.97 13.89 -35.27
N VAL E 8 -20.11 12.59 -34.99
CA VAL E 8 -19.83 11.59 -36.01
C VAL E 8 -21.04 10.65 -36.17
N PHE E 9 -21.78 10.43 -35.09
CA PHE E 9 -22.97 9.60 -35.14
C PHE E 9 -24.25 10.43 -35.28
N SER E 10 -25.25 9.83 -35.91
CA SER E 10 -26.55 10.47 -36.03
C SER E 10 -27.32 10.34 -34.71
N GLN E 11 -28.33 11.19 -34.55
CA GLN E 11 -29.12 11.10 -33.32
C GLN E 11 -29.89 9.81 -33.26
N ALA E 12 -30.36 9.30 -34.40
CA ALA E 12 -31.02 8.00 -34.42
C ALA E 12 -30.07 6.89 -34.00
N GLN E 13 -28.79 7.00 -34.36
CA GLN E 13 -27.85 5.95 -33.99
C GLN E 13 -27.58 5.95 -32.48
N LEU E 14 -27.40 7.14 -31.89
CA LEU E 14 -27.08 7.18 -30.47
C LEU E 14 -28.27 6.76 -29.62
N CYS E 15 -29.49 7.18 -30.01
CA CYS E 15 -30.67 6.75 -29.27
C CYS E 15 -30.80 5.23 -29.31
N ALA E 16 -30.44 4.61 -30.44
CA ALA E 16 -30.55 3.17 -30.54
C ALA E 16 -29.48 2.48 -29.69
N LEU E 17 -28.25 3.01 -29.70
CA LEU E 17 -27.20 2.45 -28.85
C LEU E 17 -27.59 2.57 -27.38
N LYS E 18 -28.04 3.77 -26.97
CA LYS E 18 -28.37 3.96 -25.56
C LYS E 18 -29.52 3.06 -25.14
N ASP E 19 -30.51 2.89 -26.03
CA ASP E 19 -31.61 1.97 -25.74
C ASP E 19 -31.10 0.57 -25.39
N ARG E 20 -30.14 0.06 -26.15
CA ARG E 20 -29.57 -1.24 -25.81
C ARG E 20 -28.79 -1.17 -24.52
N PHE E 21 -27.98 -0.13 -24.37
CA PHE E 21 -27.13 -0.06 -23.20
C PHE E 21 -27.94 -0.02 -21.92
N GLN E 22 -29.10 0.63 -21.95
CA GLN E 22 -29.95 0.63 -20.77
C GLN E 22 -30.49 -0.75 -20.46
N LYS E 23 -30.63 -1.62 -21.48
CA LYS E 23 -31.13 -2.96 -21.24
C LYS E 23 -30.01 -3.95 -20.89
N GLN E 24 -28.85 -3.84 -21.52
CA GLN E 24 -27.68 -4.60 -21.10
C GLN E 24 -26.44 -3.78 -21.43
N LYS E 25 -25.55 -3.63 -20.46
CA LYS E 25 -24.34 -2.85 -20.70
C LYS E 25 -23.20 -3.67 -21.27
N TYR E 26 -23.34 -5.00 -21.31
CA TYR E 26 -22.33 -5.92 -21.86
C TYR E 26 -22.95 -6.71 -23.00
N LEU E 27 -22.67 -6.33 -24.24
CA LEU E 27 -23.14 -7.09 -25.38
C LEU E 27 -22.08 -8.10 -25.85
N SER E 28 -22.54 -9.29 -26.22
CA SER E 28 -21.67 -10.29 -26.81
C SER E 28 -21.07 -9.76 -28.12
N LEU E 29 -19.91 -10.31 -28.48
CA LEU E 29 -19.29 -9.95 -29.76
C LEU E 29 -20.27 -10.13 -30.92
N GLN E 30 -21.04 -11.23 -30.91
CA GLN E 30 -22.05 -11.46 -31.93
C GLN E 30 -23.14 -10.39 -31.90
N GLN E 31 -23.63 -10.04 -30.71
CA GLN E 31 -24.67 -9.01 -30.64
C GLN E 31 -24.15 -7.65 -31.10
N MET E 32 -22.89 -7.32 -30.76
CA MET E 32 -22.33 -6.05 -31.22
C MET E 32 -22.22 -6.02 -32.74
N GLN E 33 -21.88 -7.15 -33.36
CA GLN E 33 -21.76 -7.17 -34.81
C GLN E 33 -23.13 -6.99 -35.47
N GLU E 34 -24.16 -7.69 -34.97
CA GLU E 34 -25.51 -7.52 -35.49
C GLU E 34 -25.97 -6.07 -35.31
N LEU E 35 -25.65 -5.47 -34.17
CA LEU E 35 -26.05 -4.08 -33.93
C LEU E 35 -25.37 -3.14 -34.91
N SER E 36 -24.05 -3.27 -35.07
CA SER E 36 -23.33 -2.50 -36.06
C SER E 36 -23.92 -2.66 -37.45
N SER E 37 -24.38 -3.87 -37.78
CA SER E 37 -25.04 -4.12 -39.05
C SER E 37 -26.33 -3.31 -39.17
N ILE E 38 -27.14 -3.32 -38.12
CA ILE E 38 -28.43 -2.66 -38.14
C ILE E 38 -28.26 -1.14 -38.27
N LEU E 39 -27.37 -0.56 -37.46
CA LEU E 39 -27.15 0.89 -37.38
C LEU E 39 -26.31 1.44 -38.52
N ASN E 40 -25.81 0.60 -39.42
CA ASN E 40 -24.80 0.99 -40.40
C ASN E 40 -23.63 1.68 -39.73
N LEU E 41 -23.09 1.03 -38.72
CA LEU E 41 -21.85 1.47 -38.08
C LEU E 41 -20.84 0.35 -38.23
N SER E 42 -19.57 0.66 -37.97
CA SER E 42 -18.55 -0.37 -37.96
C SER E 42 -18.58 -1.13 -36.64
N TYR E 43 -18.23 -2.43 -36.71
CA TYR E 43 -18.13 -3.26 -35.51
C TYR E 43 -17.22 -2.62 -34.48
N LYS E 44 -16.08 -2.11 -34.93
CA LYS E 44 -15.14 -1.46 -34.01
C LYS E 44 -15.79 -0.25 -33.34
N GLN E 45 -16.52 0.54 -34.12
CA GLN E 45 -17.21 1.72 -33.58
C GLN E 45 -18.17 1.32 -32.48
N VAL E 46 -18.93 0.25 -32.69
CA VAL E 46 -19.91 -0.18 -31.70
C VAL E 46 -19.20 -0.74 -30.46
N LYS E 47 -18.18 -1.57 -30.67
CA LYS E 47 -17.44 -2.12 -29.55
C LYS E 47 -16.79 -1.00 -28.72
N THR E 48 -16.20 -0.03 -29.41
CA THR E 48 -15.64 1.14 -28.75
C THR E 48 -16.71 1.92 -28.00
N TRP E 49 -17.87 2.12 -28.61
CA TRP E 49 -18.89 2.91 -27.94
C TRP E 49 -19.32 2.24 -26.65
N PHE E 50 -19.51 0.91 -26.66
CA PHE E 50 -19.91 0.22 -25.44
C PHE E 50 -18.83 0.30 -24.37
N GLN E 51 -17.57 0.06 -24.75
CA GLN E 51 -16.50 0.17 -23.76
C GLN E 51 -16.52 1.55 -23.10
N ASN E 52 -16.63 2.60 -23.92
CA ASN E 52 -16.56 3.94 -23.36
C ASN E 52 -17.77 4.22 -22.49
N GLN E 53 -18.92 3.67 -22.85
CA GLN E 53 -20.13 3.99 -22.11
C GLN E 53 -20.08 3.38 -20.70
N ARG E 54 -19.59 2.14 -20.59
CA ARG E 54 -19.39 1.50 -19.29
C ARG E 54 -18.42 2.25 -18.39
N MET E 55 -17.60 3.14 -18.93
CA MET E 55 -16.56 3.79 -18.17
C MET E 55 -16.97 5.15 -17.62
N LYS E 56 -18.20 5.58 -17.88
CA LYS E 56 -18.46 7.00 -17.69
C LYS E 56 -18.59 7.39 -16.22
N CYS E 57 -19.72 7.16 -15.57
CA CYS E 57 -20.00 7.83 -14.30
C CYS E 57 -19.56 6.97 -13.11
N LYS E 58 -18.39 7.23 -12.53
CA LYS E 58 -17.82 6.28 -11.57
C LYS E 58 -17.45 6.90 -10.23
N ARG E 59 -17.80 6.19 -9.14
CA ARG E 59 -17.23 6.51 -7.84
C ARG E 59 -16.07 5.62 -7.44
N TRP E 60 -15.95 4.43 -8.02
CA TRP E 60 -14.82 3.56 -7.74
C TRP E 60 -14.46 2.82 -9.03
N GLN E 61 -13.30 2.17 -9.02
CA GLN E 61 -12.86 1.31 -10.13
C GLN E 61 -13.93 0.32 -10.55
#